data_2E4V
#
_entry.id   2E4V
#
_cell.length_a   83.777
_cell.length_b   97.356
_cell.length_c   107.737
_cell.angle_alpha   90.00
_cell.angle_beta   92.87
_cell.angle_gamma   90.00
#
_symmetry.space_group_name_H-M   'P 1 21 1'
#
loop_
_entity.id
_entity.type
_entity.pdbx_description
1 polymer 'Metabotropic glutamate receptor 3'
2 non-polymer 2-acetamido-2-deoxy-beta-D-glucopyranose
3 non-polymer '(1R,2R)-3-[(S)-amino(carboxy)methyl]cyclopropane-1,2-dicarboxylic acid'
4 water water
#
_entity_poly.entity_id   1
_entity_poly.type   'polypeptide(L)'
_entity_poly.pdbx_seq_one_letter_code
;DHNFMRREIKIEGDLVLGGLFPINEKGTGTEECGRINEDRGIQRLEAMLFAIDEINKDNYLLPGVKLGVHILDTCSRDTY
ALEQSLEFVRASLTKVDEAEYMCPDGSYAIQENIPLLIAGVIGGSYSSVSIQVANLLRLFQIPQISYASTSAKLSDKSRY
DYFARTVPPDFYQAKAMAEILRFFNWTYVSTVASEGDYGETGIEAFEQEARLRNICIATAEKVGRSNIRKSYDSVIRELL
QKPNARVVVLFMRSDDSRELIAAANRVNASFTWVASDGWGAQESIVKGSEHVAYGAITLELASHPVRQFDRYFQSLNPYN
NHRNPWFRDFWEQKFQCSLQNKRNHRQVCDKHLAIDSSNYEQESKIMFVVNAVYAMAHALHKMQRTLCPQTTKLCDAMKI
LDGKKLYKEYLLKIQFTAPFNPNKGADSIVKFDTFGDGMGRYNVFNLQQTGGKYSYLKVGHWAETLSLDVDSIHWSRNSV
PTSQCSDPCAPNEMKNMQPGDVCCWICIPCEPYEYLVDEFTCMDCGPGQWPTADLSGCYNLPEDYIKWEDALVPR
;
_entity_poly.pdbx_strand_id   A,B
#
loop_
_chem_comp.id
_chem_comp.type
_chem_comp.name
_chem_comp.formula
2CG non-polymer '(1R,2R)-3-[(S)-amino(carboxy)methyl]cyclopropane-1,2-dicarboxylic acid' 'C7 H9 N O6'
NAG D-saccharide, beta linking 2-acetamido-2-deoxy-beta-D-glucopyranose 'C8 H15 N O6'
#
# COMPACT_ATOMS: atom_id res chain seq x y z
N ARG A 6 -4.50 -23.02 18.29
CA ARG A 6 -5.52 -22.36 17.42
C ARG A 6 -6.69 -21.79 18.22
N ARG A 7 -6.40 -20.91 19.16
CA ARG A 7 -7.46 -20.33 19.96
C ARG A 7 -8.02 -19.03 19.38
N GLU A 8 -9.29 -18.78 19.67
CA GLU A 8 -9.96 -17.59 19.19
C GLU A 8 -11.31 -17.40 19.89
N ILE A 9 -11.88 -16.22 19.74
CA ILE A 9 -13.19 -15.94 20.33
C ILE A 9 -14.15 -15.59 19.21
N LYS A 10 -15.11 -16.47 18.99
CA LYS A 10 -16.11 -16.28 17.95
C LYS A 10 -17.49 -16.12 18.57
N ILE A 11 -18.06 -14.94 18.45
CA ILE A 11 -19.39 -14.67 18.98
C ILE A 11 -20.21 -14.11 17.83
N GLU A 12 -21.27 -14.81 17.46
CA GLU A 12 -22.12 -14.37 16.38
C GLU A 12 -22.89 -13.11 16.71
N GLY A 13 -23.31 -12.41 15.66
CA GLY A 13 -24.08 -11.19 15.82
C GLY A 13 -24.55 -10.71 14.45
N ASP A 14 -25.43 -9.72 14.45
CA ASP A 14 -25.92 -9.20 13.18
C ASP A 14 -24.77 -8.55 12.40
N LEU A 15 -23.81 -8.02 13.14
CA LEU A 15 -22.62 -7.39 12.58
C LEU A 15 -21.49 -7.86 13.49
N VAL A 16 -20.33 -8.14 12.91
CA VAL A 16 -19.19 -8.61 13.68
C VAL A 16 -17.94 -7.76 13.56
N LEU A 17 -17.30 -7.52 14.70
CA LEU A 17 -16.06 -6.75 14.76
C LEU A 17 -14.90 -7.69 15.07
N GLY A 18 -13.85 -7.63 14.26
CA GLY A 18 -12.70 -8.45 14.50
C GLY A 18 -11.84 -7.71 15.53
N GLY A 19 -11.04 -8.45 16.29
CA GLY A 19 -10.19 -7.82 17.28
C GLY A 19 -8.82 -8.49 17.31
N LEU A 20 -7.78 -7.71 17.60
CA LEU A 20 -6.43 -8.25 17.67
C LEU A 20 -5.76 -7.75 18.94
N PHE A 21 -5.17 -8.68 19.68
CA PHE A 21 -4.50 -8.30 20.90
C PHE A 21 -3.27 -9.15 21.13
N PRO A 22 -2.25 -8.56 21.77
CA PRO A 22 -1.03 -9.34 22.02
C PRO A 22 -1.28 -10.16 23.30
N ILE A 23 -2.23 -11.10 23.20
CA ILE A 23 -2.57 -11.96 24.32
C ILE A 23 -1.32 -12.67 24.82
N ASN A 24 -0.49 -13.09 23.89
CA ASN A 24 0.73 -13.77 24.28
C ASN A 24 1.94 -12.97 23.87
N GLU A 25 3.03 -13.21 24.58
CA GLU A 25 4.29 -12.56 24.32
C GLU A 25 4.87 -13.25 23.07
N LYS A 26 5.92 -12.68 22.50
CA LYS A 26 6.58 -13.27 21.34
C LYS A 26 7.12 -14.64 21.75
N GLY A 27 6.96 -15.63 20.88
CA GLY A 27 7.48 -16.95 21.18
C GLY A 27 8.99 -16.90 21.03
N THR A 28 9.70 -17.58 21.93
CA THR A 28 11.16 -17.60 21.88
C THR A 28 11.66 -18.79 21.05
N GLY A 29 12.58 -18.51 20.13
CA GLY A 29 13.13 -19.57 19.31
C GLY A 29 12.18 -20.09 18.24
N THR A 30 11.94 -21.41 18.25
CA THR A 30 11.07 -22.03 17.26
C THR A 30 9.57 -21.89 17.52
N GLU A 31 9.19 -21.56 18.76
CA GLU A 31 7.78 -21.39 19.10
C GLU A 31 7.29 -20.00 18.68
N GLU A 32 6.03 -19.92 18.26
CA GLU A 32 5.45 -18.66 17.80
C GLU A 32 4.90 -17.76 18.91
N CYS A 33 4.34 -18.36 19.94
CA CYS A 33 3.77 -17.61 21.04
C CYS A 33 4.40 -18.07 22.33
N GLY A 34 4.47 -17.19 23.31
CA GLY A 34 5.07 -17.54 24.59
C GLY A 34 4.13 -17.37 25.77
N ARG A 35 4.60 -16.64 26.78
CA ARG A 35 3.82 -16.39 28.00
C ARG A 35 2.67 -15.42 27.77
N ILE A 36 1.76 -15.37 28.72
CA ILE A 36 0.60 -14.50 28.64
C ILE A 36 0.96 -13.05 28.98
N ASN A 37 0.45 -12.12 28.18
CA ASN A 37 0.67 -10.70 28.45
C ASN A 37 -0.63 -10.39 29.21
N GLU A 38 -0.53 -10.39 30.54
CA GLU A 38 -1.68 -10.16 31.43
C GLU A 38 -2.38 -8.80 31.31
N ASP A 39 -1.62 -7.73 31.44
CA ASP A 39 -2.19 -6.38 31.37
C ASP A 39 -2.50 -5.88 29.96
N ARG A 40 -1.51 -5.92 29.07
CA ARG A 40 -1.74 -5.42 27.73
C ARG A 40 -2.40 -6.43 26.81
N GLY A 41 -2.45 -7.68 27.25
CA GLY A 41 -3.08 -8.70 26.41
C GLY A 41 -4.45 -9.07 26.95
N ILE A 42 -4.48 -9.80 28.06
CA ILE A 42 -5.74 -10.23 28.66
C ILE A 42 -6.68 -9.08 29.04
N GLN A 43 -6.21 -8.09 29.80
CA GLN A 43 -7.07 -6.99 30.19
C GLN A 43 -7.70 -6.28 29.00
N ARG A 44 -6.85 -5.88 28.05
CA ARG A 44 -7.34 -5.18 26.86
C ARG A 44 -8.35 -6.02 26.10
N LEU A 45 -8.10 -7.32 26.00
CA LEU A 45 -9.04 -8.22 25.31
C LEU A 45 -10.38 -8.13 26.04
N GLU A 46 -10.36 -8.28 27.37
CA GLU A 46 -11.58 -8.22 28.15
C GLU A 46 -12.28 -6.88 28.03
N ALA A 47 -11.51 -5.81 27.88
CA ALA A 47 -12.11 -4.49 27.73
C ALA A 47 -12.96 -4.40 26.46
N MET A 48 -12.60 -5.15 25.42
CA MET A 48 -13.38 -5.14 24.19
C MET A 48 -14.63 -5.98 24.41
N LEU A 49 -14.46 -7.07 25.15
CA LEU A 49 -15.58 -7.93 25.45
C LEU A 49 -16.54 -7.10 26.30
N PHE A 50 -15.97 -6.36 27.25
CA PHE A 50 -16.74 -5.49 28.11
C PHE A 50 -17.53 -4.48 27.28
N ALA A 51 -16.82 -3.73 26.43
CA ALA A 51 -17.47 -2.73 25.59
C ALA A 51 -18.58 -3.32 24.70
N ILE A 52 -18.32 -4.47 24.10
CA ILE A 52 -19.32 -5.13 23.25
C ILE A 52 -20.57 -5.46 24.07
N ASP A 53 -20.38 -6.01 25.27
CA ASP A 53 -21.51 -6.34 26.13
C ASP A 53 -22.34 -5.10 26.42
N GLU A 54 -21.67 -4.03 26.86
CA GLU A 54 -22.37 -2.80 27.16
C GLU A 54 -23.16 -2.31 25.96
N ILE A 55 -22.51 -2.22 24.81
CA ILE A 55 -23.19 -1.76 23.60
C ILE A 55 -24.38 -2.66 23.30
N ASN A 56 -24.27 -3.94 23.62
CA ASN A 56 -25.40 -4.85 23.35
C ASN A 56 -26.54 -4.68 24.36
N LYS A 57 -26.31 -3.91 25.43
CA LYS A 57 -27.34 -3.63 26.45
C LYS A 57 -27.86 -2.20 26.28
N ASP A 58 -27.24 -1.45 25.37
CA ASP A 58 -27.58 -0.05 25.16
C ASP A 58 -28.69 0.17 24.13
N ASN A 59 -29.83 0.64 24.59
CA ASN A 59 -30.99 0.88 23.72
C ASN A 59 -30.87 2.12 22.83
N TYR A 60 -29.84 2.93 23.03
CA TYR A 60 -29.70 4.13 22.21
C TYR A 60 -28.57 4.02 21.18
N LEU A 61 -27.77 2.95 21.30
CA LEU A 61 -26.65 2.73 20.39
C LEU A 61 -26.81 1.34 19.77
N LEU A 62 -27.06 1.32 18.46
CA LEU A 62 -27.22 0.05 17.77
C LEU A 62 -28.31 -0.80 18.42
N PRO A 63 -29.46 -0.21 18.76
CA PRO A 63 -30.46 -1.09 19.35
C PRO A 63 -30.89 -1.92 18.14
N GLY A 64 -31.43 -3.10 18.36
CA GLY A 64 -31.83 -3.88 17.21
C GLY A 64 -30.71 -4.48 16.35
N VAL A 65 -29.44 -4.12 16.62
CA VAL A 65 -28.33 -4.71 15.86
C VAL A 65 -27.27 -5.24 16.82
N LYS A 66 -27.30 -6.55 17.08
CA LYS A 66 -26.35 -7.14 18.01
C LYS A 66 -24.95 -7.23 17.39
N LEU A 67 -23.94 -6.87 18.18
CA LEU A 67 -22.56 -6.91 17.74
C LEU A 67 -21.88 -8.16 18.24
N GLY A 68 -21.24 -8.89 17.32
CA GLY A 68 -20.53 -10.08 17.72
C GLY A 68 -19.04 -9.79 17.57
N VAL A 69 -18.20 -10.78 17.78
CA VAL A 69 -16.78 -10.55 17.62
C VAL A 69 -16.03 -11.77 17.13
N HIS A 70 -14.84 -11.49 16.61
CA HIS A 70 -13.92 -12.52 16.17
C HIS A 70 -12.60 -11.96 16.64
N ILE A 71 -12.20 -12.35 17.84
CA ILE A 71 -10.96 -11.86 18.43
C ILE A 71 -9.82 -12.87 18.30
N LEU A 72 -8.66 -12.41 17.82
CA LEU A 72 -7.49 -13.26 17.64
C LEU A 72 -6.25 -12.74 18.34
N ASP A 73 -5.36 -13.67 18.67
CA ASP A 73 -4.09 -13.38 19.32
C ASP A 73 -3.10 -12.94 18.23
N THR A 74 -2.28 -11.93 18.52
CA THR A 74 -1.28 -11.48 17.57
C THR A 74 0.08 -12.03 18.01
N CYS A 75 0.13 -12.55 19.22
CA CYS A 75 1.36 -13.07 19.82
C CYS A 75 2.51 -12.08 19.68
N SER A 76 2.15 -10.80 19.66
CA SER A 76 3.11 -9.71 19.57
C SER A 76 4.02 -9.76 18.35
N ARG A 77 3.57 -10.37 17.27
CA ARG A 77 4.39 -10.46 16.08
C ARG A 77 3.60 -10.07 14.86
N ASP A 78 4.12 -9.08 14.13
CA ASP A 78 3.45 -8.63 12.93
C ASP A 78 3.17 -9.77 11.94
N THR A 79 4.13 -10.66 11.68
CA THR A 79 3.85 -11.73 10.71
C THR A 79 2.74 -12.64 11.18
N TYR A 80 2.73 -12.94 12.47
CA TYR A 80 1.71 -13.80 13.04
C TYR A 80 0.33 -13.09 12.96
N ALA A 81 0.29 -11.81 13.34
CA ALA A 81 -0.98 -11.07 13.32
C ALA A 81 -1.54 -11.06 11.90
N LEU A 82 -0.63 -10.88 10.94
CA LEU A 82 -0.98 -10.83 9.53
C LEU A 82 -1.62 -12.13 9.08
N GLU A 83 -1.01 -13.26 9.43
CA GLU A 83 -1.56 -14.54 9.02
C GLU A 83 -2.92 -14.72 9.67
N GLN A 84 -3.01 -14.37 10.95
CA GLN A 84 -4.27 -14.48 11.67
C GLN A 84 -5.35 -13.68 10.96
N SER A 85 -5.02 -12.44 10.58
CA SER A 85 -5.96 -11.54 9.94
C SER A 85 -6.58 -12.04 8.65
N LEU A 86 -5.91 -12.97 7.99
CA LEU A 86 -6.42 -13.54 6.75
C LEU A 86 -7.82 -14.04 7.07
N GLU A 87 -8.00 -14.40 8.35
CA GLU A 87 -9.28 -14.90 8.82
C GLU A 87 -10.38 -13.86 8.65
N PHE A 88 -10.03 -12.59 8.77
CA PHE A 88 -11.01 -11.52 8.64
C PHE A 88 -11.46 -11.25 7.22
N VAL A 89 -10.67 -11.65 6.24
CA VAL A 89 -10.99 -11.39 4.84
C VAL A 89 -11.52 -12.57 4.09
N ARG A 90 -11.24 -13.78 4.55
CA ARG A 90 -11.76 -14.97 3.89
C ARG A 90 -13.25 -14.89 4.16
N ALA A 91 -13.54 -14.23 5.27
CA ALA A 91 -14.90 -14.02 5.75
C ALA A 91 -15.82 -13.41 4.69
N SER A 92 -15.30 -12.42 3.97
CA SER A 92 -16.07 -11.74 2.93
C SER A 92 -16.09 -12.49 1.60
N LEU A 93 -16.13 -13.81 1.67
CA LEU A 93 -16.16 -14.64 0.46
C LEU A 93 -17.40 -15.53 0.46
N ILE A 114 -19.33 -21.14 8.70
CA ILE A 114 -18.20 -21.12 9.63
C ILE A 114 -17.57 -19.72 9.76
N PRO A 115 -17.12 -19.11 8.65
CA PRO A 115 -16.50 -17.78 8.71
C PRO A 115 -17.46 -16.62 8.94
N LEU A 116 -17.05 -15.67 9.78
CA LEU A 116 -17.87 -14.51 10.11
C LEU A 116 -17.45 -13.28 9.32
N LEU A 117 -18.42 -12.60 8.73
CA LEU A 117 -18.18 -11.39 7.95
C LEU A 117 -17.74 -10.29 8.91
N ILE A 118 -16.65 -9.63 8.59
CA ILE A 118 -16.12 -8.59 9.46
C ILE A 118 -16.44 -7.17 9.01
N ALA A 119 -17.14 -6.43 9.86
CA ALA A 119 -17.50 -5.05 9.57
C ALA A 119 -16.31 -4.11 9.73
N GLY A 120 -15.51 -4.36 10.76
CA GLY A 120 -14.34 -3.56 11.06
C GLY A 120 -13.48 -4.29 12.08
N VAL A 121 -12.22 -3.91 12.17
CA VAL A 121 -11.30 -4.54 13.11
C VAL A 121 -10.79 -3.56 14.15
N ILE A 122 -10.76 -4.03 15.40
CA ILE A 122 -10.29 -3.24 16.52
C ILE A 122 -8.94 -3.82 16.86
N GLY A 123 -7.89 -3.07 16.61
CA GLY A 123 -6.66 -3.70 16.98
C GLY A 123 -5.34 -3.40 16.36
N GLY A 124 -4.43 -4.06 17.04
CA GLY A 124 -3.02 -3.97 16.79
C GLY A 124 -2.62 -3.16 18.01
N SER A 125 -1.69 -3.68 18.80
CA SER A 125 -1.16 -2.91 19.91
C SER A 125 0.16 -2.39 19.33
N TYR A 126 1.02 -3.32 18.91
CA TYR A 126 2.30 -2.94 18.31
C TYR A 126 2.10 -2.30 16.92
N SER A 127 2.77 -1.18 16.69
CA SER A 127 2.65 -0.51 15.41
C SER A 127 2.96 -1.42 14.24
N SER A 128 3.95 -2.30 14.40
CA SER A 128 4.32 -3.15 13.31
C SER A 128 3.15 -4.08 12.96
N VAL A 129 2.41 -4.60 13.95
CA VAL A 129 1.31 -5.46 13.58
C VAL A 129 0.17 -4.63 12.98
N SER A 130 -0.11 -3.46 13.53
CA SER A 130 -1.19 -2.64 12.98
C SER A 130 -0.91 -2.24 11.54
N ILE A 131 0.35 -1.95 11.24
CA ILE A 131 0.76 -1.58 9.88
C ILE A 131 0.52 -2.74 8.92
N GLN A 132 1.13 -3.90 9.18
CA GLN A 132 0.95 -5.04 8.30
C GLN A 132 -0.52 -5.40 8.15
N VAL A 133 -1.25 -5.44 9.26
CA VAL A 133 -2.67 -5.77 9.21
C VAL A 133 -3.39 -4.72 8.35
N ALA A 134 -2.98 -3.47 8.51
CA ALA A 134 -3.58 -2.40 7.74
C ALA A 134 -3.34 -2.61 6.24
N ASN A 135 -2.16 -3.07 5.85
CA ASN A 135 -1.89 -3.28 4.43
C ASN A 135 -2.79 -4.36 3.85
N LEU A 136 -3.24 -5.26 4.70
CA LEU A 136 -4.13 -6.32 4.25
C LEU A 136 -5.61 -5.87 4.24
N LEU A 137 -6.05 -5.31 5.36
CA LEU A 137 -7.44 -4.90 5.47
C LEU A 137 -7.90 -3.89 4.42
N ARG A 138 -7.00 -3.00 3.98
CA ARG A 138 -7.37 -1.97 2.99
C ARG A 138 -7.74 -2.61 1.66
N LEU A 139 -7.12 -3.73 1.36
CA LEU A 139 -7.39 -4.42 0.11
C LEU A 139 -8.86 -4.87 0.08
N PHE A 140 -9.48 -5.02 1.24
CA PHE A 140 -10.87 -5.44 1.26
C PHE A 140 -11.78 -4.39 1.89
N GLN A 141 -11.30 -3.15 1.93
CA GLN A 141 -12.06 -2.03 2.47
C GLN A 141 -12.64 -2.29 3.86
N ILE A 142 -11.80 -2.83 4.73
CA ILE A 142 -12.21 -3.12 6.09
C ILE A 142 -11.60 -2.10 7.05
N PRO A 143 -12.43 -1.21 7.63
CA PRO A 143 -11.94 -0.19 8.56
C PRO A 143 -11.28 -0.80 9.80
N GLN A 144 -10.22 -0.15 10.25
CA GLN A 144 -9.43 -0.66 11.39
C GLN A 144 -9.17 0.48 12.35
N ILE A 145 -9.35 0.21 13.64
CA ILE A 145 -9.10 1.24 14.64
C ILE A 145 -8.16 0.68 15.68
N SER A 146 -6.98 1.25 15.80
CA SER A 146 -6.04 0.80 16.80
C SER A 146 -6.22 1.58 18.09
N TYR A 147 -5.96 0.94 19.22
CA TYR A 147 -6.13 1.57 20.53
C TYR A 147 -4.79 1.78 21.20
N ALA A 148 -3.71 1.54 20.48
CA ALA A 148 -2.41 1.70 21.09
C ALA A 148 -1.26 1.89 20.13
N SER A 149 -1.45 1.62 18.84
CA SER A 149 -0.36 1.78 17.87
C SER A 149 -0.09 3.27 17.63
N THR A 150 1.07 3.74 18.08
CA THR A 150 1.43 5.16 17.97
C THR A 150 2.36 5.64 16.83
N SER A 151 2.87 4.74 16.01
CA SER A 151 3.79 5.17 14.96
C SER A 151 3.27 6.25 14.00
N ALA A 152 4.09 7.25 13.77
CA ALA A 152 3.76 8.35 12.86
C ALA A 152 3.46 7.86 11.45
N LYS A 153 4.04 6.72 11.08
CA LYS A 153 3.81 6.19 9.74
C LYS A 153 2.33 5.99 9.44
N LEU A 154 1.58 5.57 10.46
CA LEU A 154 0.16 5.31 10.30
C LEU A 154 -0.71 6.53 9.98
N SER A 155 -0.14 7.73 10.07
CA SER A 155 -0.90 8.95 9.74
C SER A 155 -0.98 9.13 8.22
N ASP A 156 -0.16 8.38 7.49
CA ASP A 156 -0.15 8.47 6.04
C ASP A 156 -1.40 7.82 5.44
N LYS A 157 -2.38 8.65 5.11
CA LYS A 157 -3.62 8.14 4.55
C LYS A 157 -3.50 7.69 3.09
N SER A 158 -2.33 7.85 2.51
CA SER A 158 -2.13 7.42 1.13
C SER A 158 -1.75 5.95 1.16
N ARG A 159 -1.24 5.50 2.31
CA ARG A 159 -0.85 4.11 2.46
C ARG A 159 -1.80 3.34 3.39
N TYR A 160 -2.22 3.98 4.47
CA TYR A 160 -3.11 3.28 5.40
C TYR A 160 -4.48 3.97 5.41
N ASP A 161 -5.11 4.00 4.23
CA ASP A 161 -6.39 4.67 4.04
C ASP A 161 -7.61 4.11 4.74
N TYR A 162 -7.50 2.95 5.37
CA TYR A 162 -8.64 2.40 6.11
C TYR A 162 -8.30 2.27 7.59
N PHE A 163 -7.25 2.99 8.00
CA PHE A 163 -6.80 2.94 9.38
C PHE A 163 -7.03 4.24 10.16
N ALA A 164 -7.47 4.06 11.39
CA ALA A 164 -7.71 5.16 12.29
C ALA A 164 -7.19 4.67 13.65
N ARG A 165 -7.24 5.52 14.66
CA ARG A 165 -6.72 5.13 15.96
C ARG A 165 -7.21 6.14 17.00
N THR A 166 -7.38 5.68 18.23
CA THR A 166 -7.85 6.56 19.28
C THR A 166 -6.67 7.14 20.07
N VAL A 167 -5.47 7.02 19.52
CA VAL A 167 -4.27 7.53 20.16
C VAL A 167 -3.49 8.40 19.16
N PRO A 168 -2.61 9.29 19.65
CA PRO A 168 -1.85 10.16 18.74
C PRO A 168 -0.55 9.55 18.19
N PRO A 169 0.03 10.17 17.14
CA PRO A 169 1.27 9.69 16.53
C PRO A 169 2.48 10.16 17.33
N ASP A 170 3.54 9.35 17.34
CA ASP A 170 4.73 9.68 18.10
C ASP A 170 5.49 10.91 17.65
N PHE A 171 4.97 11.56 16.63
CA PHE A 171 5.55 12.79 16.15
C PHE A 171 5.56 13.69 17.38
N TYR A 172 4.51 13.59 18.20
CA TYR A 172 4.40 14.38 19.41
C TYR A 172 5.15 13.80 20.62
N GLN A 173 5.05 12.48 20.83
CA GLN A 173 5.73 11.90 21.98
C GLN A 173 7.22 12.20 21.90
N ALA A 174 7.78 12.13 20.71
CA ALA A 174 9.20 12.42 20.51
C ALA A 174 9.52 13.86 20.95
N LYS A 175 8.61 14.78 20.68
CA LYS A 175 8.80 16.17 21.06
C LYS A 175 8.80 16.30 22.58
N ALA A 176 7.88 15.61 23.23
CA ALA A 176 7.78 15.67 24.68
C ALA A 176 9.07 15.19 25.32
N MET A 177 9.58 14.07 24.84
CA MET A 177 10.82 13.51 25.38
C MET A 177 12.02 14.44 25.20
N ALA A 178 12.15 15.01 24.00
CA ALA A 178 13.25 15.92 23.72
C ALA A 178 13.16 17.18 24.58
N GLU A 179 11.95 17.70 24.78
CA GLU A 179 11.78 18.89 25.59
C GLU A 179 12.11 18.62 27.06
N ILE A 180 11.90 17.39 27.49
CA ILE A 180 12.21 17.04 28.88
C ILE A 180 13.73 17.12 29.05
N LEU A 181 14.47 16.52 28.12
CA LEU A 181 15.92 16.55 28.19
C LEU A 181 16.41 18.00 28.13
N ARG A 182 15.88 18.76 27.17
CA ARG A 182 16.26 20.17 27.00
C ARG A 182 15.99 20.99 28.25
N PHE A 183 15.03 20.56 29.06
CA PHE A 183 14.69 21.26 30.29
C PHE A 183 15.81 21.11 31.31
N PHE A 184 16.10 19.87 31.70
CA PHE A 184 17.15 19.59 32.68
C PHE A 184 18.54 19.74 32.05
N ASN A 185 18.56 20.29 30.85
CA ASN A 185 19.81 20.51 30.13
C ASN A 185 20.63 19.26 29.83
N TRP A 186 19.97 18.11 29.65
CA TRP A 186 20.67 16.88 29.31
C TRP A 186 20.98 16.99 27.82
N THR A 187 22.19 17.44 27.52
CA THR A 187 22.62 17.64 26.13
C THR A 187 23.47 16.50 25.58
N TYR A 188 23.85 15.56 26.43
CA TYR A 188 24.65 14.42 26.00
C TYR A 188 23.99 13.15 26.49
N VAL A 189 23.23 12.50 25.62
CA VAL A 189 22.53 11.28 25.98
C VAL A 189 22.75 10.16 24.98
N SER A 190 22.40 8.95 25.41
CA SER A 190 22.50 7.78 24.56
C SER A 190 21.09 7.31 24.26
N THR A 191 20.90 6.69 23.10
CA THR A 191 19.58 6.21 22.76
C THR A 191 19.62 4.77 22.30
N VAL A 192 18.61 4.01 22.70
CA VAL A 192 18.48 2.63 22.27
C VAL A 192 17.03 2.53 21.83
N ALA A 193 16.83 1.97 20.64
CA ALA A 193 15.49 1.83 20.08
C ALA A 193 15.22 0.42 19.59
N SER A 194 13.96 0.03 19.64
CA SER A 194 13.54 -1.29 19.17
C SER A 194 13.54 -1.29 17.65
N GLU A 195 13.87 -2.42 17.06
CA GLU A 195 13.82 -2.50 15.62
C GLU A 195 12.32 -2.66 15.33
N GLY A 196 11.88 -2.09 14.22
CA GLY A 196 10.47 -2.17 13.86
C GLY A 196 9.94 -0.77 13.65
N ASP A 197 8.74 -0.67 13.12
CA ASP A 197 8.14 0.63 12.85
C ASP A 197 7.85 1.46 14.12
N TYR A 198 7.83 0.83 15.29
CA TYR A 198 7.58 1.61 16.50
C TYR A 198 8.85 2.32 16.97
N GLY A 199 9.86 1.52 17.28
CA GLY A 199 11.11 2.06 17.78
C GLY A 199 11.90 2.92 16.82
N GLU A 200 12.08 2.46 15.58
CA GLU A 200 12.85 3.19 14.60
C GLU A 200 12.26 4.55 14.22
N THR A 201 11.02 4.59 13.78
CA THR A 201 10.45 5.89 13.42
C THR A 201 10.30 6.75 14.66
N GLY A 202 10.07 6.11 15.80
CA GLY A 202 9.96 6.86 17.05
C GLY A 202 11.30 7.50 17.39
N ILE A 203 12.36 6.72 17.30
CA ILE A 203 13.69 7.24 17.60
C ILE A 203 14.15 8.27 16.58
N GLU A 204 13.73 8.12 15.33
CA GLU A 204 14.10 9.09 14.30
C GLU A 204 13.51 10.44 14.67
N ALA A 205 12.24 10.45 15.04
CA ALA A 205 11.59 11.70 15.40
C ALA A 205 12.34 12.36 16.57
N PHE A 206 12.73 11.56 17.55
CA PHE A 206 13.45 12.09 18.69
C PHE A 206 14.76 12.74 18.24
N GLU A 207 15.56 12.00 17.48
CA GLU A 207 16.82 12.52 16.98
C GLU A 207 16.65 13.90 16.35
N GLN A 208 15.65 14.04 15.49
CA GLN A 208 15.38 15.32 14.84
C GLN A 208 15.07 16.39 15.88
N GLU A 209 14.20 16.07 16.83
CA GLU A 209 13.82 17.02 17.87
C GLU A 209 15.02 17.37 18.71
N ALA A 210 15.91 16.40 18.89
CA ALA A 210 17.11 16.61 19.69
C ALA A 210 18.01 17.67 19.06
N ARG A 211 18.38 17.46 17.79
CA ARG A 211 19.22 18.42 17.08
C ARG A 211 18.72 19.84 17.28
N LEU A 212 17.45 20.05 16.94
CA LEU A 212 16.84 21.38 17.05
C LEU A 212 17.00 22.02 18.43
N ARG A 213 17.20 21.20 19.45
CA ARG A 213 17.35 21.72 20.81
C ARG A 213 18.78 21.61 21.32
N ASN A 214 19.70 21.37 20.40
CA ASN A 214 21.13 21.26 20.71
C ASN A 214 21.50 20.11 21.65
N ILE A 215 20.87 18.96 21.46
CA ILE A 215 21.15 17.78 22.27
C ILE A 215 21.89 16.76 21.41
N CYS A 216 23.02 16.29 21.89
CA CYS A 216 23.79 15.31 21.12
C CYS A 216 23.60 13.89 21.59
N ILE A 217 23.82 12.96 20.68
CA ILE A 217 23.66 11.54 20.97
C ILE A 217 25.02 10.87 21.08
N ALA A 218 25.37 10.49 22.31
CA ALA A 218 26.63 9.82 22.58
C ALA A 218 26.73 8.58 21.71
N THR A 219 25.72 7.72 21.80
CA THR A 219 25.68 6.50 21.03
C THR A 219 24.24 6.04 20.83
N ALA A 220 23.92 5.66 19.59
CA ALA A 220 22.59 5.21 19.24
C ALA A 220 22.55 3.70 19.07
N GLU A 221 22.02 2.98 20.05
CA GLU A 221 21.93 1.54 19.99
C GLU A 221 20.53 1.09 19.57
N LYS A 222 20.42 -0.14 19.10
CA LYS A 222 19.12 -0.66 18.72
C LYS A 222 19.08 -2.19 18.76
N VAL A 223 18.08 -2.72 19.47
CA VAL A 223 17.86 -4.15 19.60
C VAL A 223 16.67 -4.51 18.72
N GLY A 224 16.52 -5.79 18.39
CA GLY A 224 15.39 -6.15 17.54
C GLY A 224 14.87 -7.57 17.52
N ARG A 225 14.55 -8.03 16.32
CA ARG A 225 14.01 -9.37 16.10
C ARG A 225 14.93 -10.49 16.57
N SER A 226 14.32 -11.49 17.19
CA SER A 226 15.02 -12.67 17.70
C SER A 226 16.31 -12.37 18.44
N ASN A 227 16.32 -11.28 19.22
CA ASN A 227 17.50 -10.92 19.98
C ASN A 227 17.53 -11.66 21.32
N ILE A 228 18.72 -12.14 21.69
CA ILE A 228 18.88 -12.86 22.94
C ILE A 228 19.69 -12.00 23.92
N ARG A 229 20.00 -12.55 25.08
CA ARG A 229 20.76 -11.82 26.08
C ARG A 229 21.94 -11.06 25.50
N LYS A 230 22.89 -11.79 24.93
CA LYS A 230 24.09 -11.20 24.35
C LYS A 230 23.84 -9.91 23.56
N SER A 231 22.77 -9.89 22.78
CA SER A 231 22.45 -8.70 21.99
C SER A 231 22.19 -7.52 22.93
N TYR A 232 21.50 -7.78 24.03
CA TYR A 232 21.20 -6.74 24.99
C TYR A 232 22.41 -6.45 25.88
N ASP A 233 23.08 -7.50 26.34
CA ASP A 233 24.27 -7.32 27.18
C ASP A 233 25.24 -6.41 26.43
N SER A 234 25.34 -6.67 25.13
CA SER A 234 26.21 -5.89 24.27
C SER A 234 25.77 -4.43 24.21
N VAL A 235 24.47 -4.16 24.35
CA VAL A 235 23.98 -2.79 24.32
C VAL A 235 24.37 -2.07 25.61
N ILE A 236 24.27 -2.80 26.72
CA ILE A 236 24.64 -2.23 28.00
C ILE A 236 26.13 -1.87 28.01
N ARG A 237 26.97 -2.76 27.47
CA ARG A 237 28.41 -2.49 27.43
C ARG A 237 28.67 -1.18 26.69
N GLU A 238 28.03 -1.05 25.52
CA GLU A 238 28.21 0.13 24.70
C GLU A 238 27.69 1.40 25.36
N LEU A 239 26.66 1.27 26.20
CA LEU A 239 26.13 2.43 26.88
C LEU A 239 27.16 2.83 27.93
N LEU A 240 27.78 1.82 28.54
CA LEU A 240 28.78 2.05 29.57
C LEU A 240 30.03 2.72 29.01
N GLN A 241 30.29 2.53 27.72
CA GLN A 241 31.47 3.11 27.08
C GLN A 241 31.29 4.62 26.83
N LYS A 242 30.20 5.18 27.33
CA LYS A 242 29.91 6.61 27.19
C LYS A 242 29.46 7.08 28.56
N PRO A 243 30.35 6.93 29.56
CA PRO A 243 30.12 7.31 30.96
C PRO A 243 29.46 8.67 31.20
N ASN A 244 29.85 9.67 30.41
CA ASN A 244 29.28 11.00 30.56
C ASN A 244 27.79 11.04 30.26
N ALA A 245 27.37 10.20 29.32
CA ALA A 245 25.95 10.12 28.97
C ALA A 245 25.30 9.24 30.04
N ARG A 246 24.82 9.87 31.10
CA ARG A 246 24.21 9.14 32.20
C ARG A 246 22.71 8.99 31.99
N VAL A 247 22.16 9.74 31.05
CA VAL A 247 20.74 9.68 30.71
C VAL A 247 20.58 8.96 29.37
N VAL A 248 19.80 7.89 29.36
CA VAL A 248 19.57 7.10 28.15
C VAL A 248 18.12 7.13 27.71
N VAL A 249 17.89 7.65 26.49
CA VAL A 249 16.56 7.75 25.93
C VAL A 249 16.13 6.41 25.31
N LEU A 250 14.95 5.94 25.70
CA LEU A 250 14.44 4.68 25.19
C LEU A 250 13.14 4.83 24.41
N PHE A 251 13.14 4.26 23.21
CA PHE A 251 11.94 4.23 22.38
C PHE A 251 11.86 2.76 21.97
N MET A 252 11.42 1.95 22.92
CA MET A 252 11.36 0.51 22.71
C MET A 252 10.04 -0.16 23.01
N ARG A 253 9.82 -1.29 22.34
CA ARG A 253 8.63 -2.10 22.53
C ARG A 253 8.63 -2.51 24.00
N SER A 254 7.45 -2.90 24.49
CA SER A 254 7.28 -3.33 25.87
C SER A 254 8.21 -4.51 26.15
N ASP A 255 8.13 -5.53 25.32
CA ASP A 255 8.95 -6.73 25.51
C ASP A 255 10.45 -6.43 25.52
N ASP A 256 10.92 -5.64 24.55
CA ASP A 256 12.34 -5.32 24.47
C ASP A 256 12.79 -4.53 25.70
N SER A 257 11.93 -3.63 26.20
CA SER A 257 12.26 -2.82 27.37
C SER A 257 12.61 -3.73 28.54
N ARG A 258 11.74 -4.70 28.80
CA ARG A 258 11.92 -5.65 29.88
C ARG A 258 13.29 -6.31 29.72
N GLU A 259 13.62 -6.68 28.48
CA GLU A 259 14.89 -7.32 28.20
C GLU A 259 16.07 -6.43 28.56
N LEU A 260 16.04 -5.19 28.08
CA LEU A 260 17.12 -4.25 28.32
C LEU A 260 17.32 -3.93 29.80
N ILE A 261 16.23 -3.83 30.55
CA ILE A 261 16.34 -3.55 31.97
C ILE A 261 16.97 -4.74 32.69
N ALA A 262 16.59 -5.94 32.29
CA ALA A 262 17.14 -7.14 32.90
C ALA A 262 18.65 -7.21 32.61
N ALA A 263 19.03 -6.81 31.41
CA ALA A 263 20.44 -6.83 31.02
C ALA A 263 21.26 -5.89 31.89
N ALA A 264 20.74 -4.69 32.10
CA ALA A 264 21.43 -3.70 32.91
C ALA A 264 21.57 -4.25 34.32
N ASN A 265 20.55 -4.97 34.77
CA ASN A 265 20.53 -5.55 36.11
C ASN A 265 21.60 -6.61 36.31
N ARG A 266 21.96 -7.32 35.25
CA ARG A 266 22.97 -8.38 35.35
C ARG A 266 24.34 -7.83 35.68
N VAL A 267 24.74 -6.77 34.99
CA VAL A 267 26.05 -6.15 35.24
C VAL A 267 25.88 -4.93 36.11
N ASN A 268 24.75 -4.89 36.82
CA ASN A 268 24.44 -3.79 37.72
C ASN A 268 24.71 -2.40 37.15
N ALA A 269 24.34 -2.19 35.89
CA ALA A 269 24.53 -0.90 35.26
C ALA A 269 23.44 0.03 35.78
N SER A 270 23.75 1.32 35.89
CA SER A 270 22.77 2.28 36.37
C SER A 270 22.78 3.60 35.59
N PHE A 271 21.65 3.90 34.95
CA PHE A 271 21.50 5.13 34.18
C PHE A 271 20.13 5.70 34.52
N THR A 272 19.90 6.93 34.11
CA THR A 272 18.59 7.53 34.32
C THR A 272 17.89 7.23 33.00
N TRP A 273 16.81 6.47 33.06
CA TRP A 273 16.07 6.09 31.87
C TRP A 273 14.93 7.05 31.53
N VAL A 274 14.78 7.34 30.25
CA VAL A 274 13.71 8.20 29.77
C VAL A 274 13.08 7.39 28.65
N ALA A 275 12.02 6.65 28.99
CA ALA A 275 11.36 5.78 28.03
C ALA A 275 9.98 6.21 27.54
N SER A 276 9.65 5.78 26.34
CA SER A 276 8.36 6.08 25.73
C SER A 276 7.29 5.14 26.26
N ASP A 277 6.06 5.33 25.82
CA ASP A 277 4.93 4.51 26.27
C ASP A 277 5.13 3.01 26.12
N GLY A 278 6.07 2.61 25.27
CA GLY A 278 6.34 1.20 25.10
C GLY A 278 6.56 0.62 26.47
N TRP A 279 7.39 1.31 27.24
CA TRP A 279 7.69 0.92 28.62
C TRP A 279 6.48 1.42 29.40
N GLY A 280 6.21 2.71 29.29
CA GLY A 280 5.07 3.30 29.96
C GLY A 280 5.07 3.24 31.46
N ALA A 281 3.91 2.91 32.02
CA ALA A 281 3.73 2.82 33.45
C ALA A 281 3.45 1.38 33.86
N GLN A 282 4.10 0.44 33.18
CA GLN A 282 3.91 -0.96 33.50
C GLN A 282 4.90 -1.37 34.58
N GLU A 283 4.41 -1.95 35.67
CA GLU A 283 5.31 -2.37 36.73
C GLU A 283 6.01 -3.67 36.31
N SER A 284 5.33 -4.45 35.46
CA SER A 284 5.84 -5.73 34.96
C SER A 284 7.20 -5.65 34.27
N ILE A 285 7.51 -4.47 33.75
CA ILE A 285 8.76 -4.23 33.04
C ILE A 285 9.95 -4.18 33.99
N VAL A 286 9.72 -3.62 35.17
CA VAL A 286 10.77 -3.45 36.17
C VAL A 286 10.88 -4.58 37.19
N LYS A 287 9.86 -5.43 37.27
CA LYS A 287 9.85 -6.55 38.21
C LYS A 287 11.15 -7.36 38.16
N GLY A 288 11.82 -7.46 39.30
CA GLY A 288 13.06 -8.21 39.38
C GLY A 288 14.30 -7.43 39.01
N SER A 289 14.17 -6.12 38.85
CA SER A 289 15.30 -5.26 38.48
C SER A 289 14.93 -3.83 38.88
N GLU A 290 14.06 -3.73 39.87
CA GLU A 290 13.56 -2.45 40.37
C GLU A 290 14.62 -1.41 40.74
N HIS A 291 15.70 -1.84 41.36
CA HIS A 291 16.76 -0.91 41.77
C HIS A 291 17.54 -0.34 40.58
N VAL A 292 17.48 -1.04 39.45
CA VAL A 292 18.17 -0.62 38.23
C VAL A 292 17.36 0.43 37.47
N ALA A 293 16.04 0.35 37.59
CA ALA A 293 15.16 1.28 36.90
C ALA A 293 14.69 2.40 37.81
N TYR A 294 15.11 2.36 39.07
CA TYR A 294 14.72 3.39 40.02
C TYR A 294 15.02 4.78 39.47
N GLY A 295 14.11 5.72 39.71
CA GLY A 295 14.29 7.08 39.25
C GLY A 295 14.01 7.30 37.77
N ALA A 296 13.66 6.24 37.07
CA ALA A 296 13.38 6.33 35.65
C ALA A 296 12.20 7.25 35.37
N ILE A 297 12.28 7.95 34.24
CA ILE A 297 11.20 8.83 33.82
C ILE A 297 10.60 8.22 32.58
N THR A 298 9.30 7.98 32.62
CA THR A 298 8.61 7.35 31.50
C THR A 298 7.40 8.16 31.04
N LEU A 299 6.94 7.85 29.84
CA LEU A 299 5.79 8.54 29.27
C LEU A 299 4.68 7.55 28.93
N GLU A 300 3.47 8.06 28.92
CA GLU A 300 2.33 7.24 28.56
C GLU A 300 1.26 8.20 28.08
N LEU A 301 0.38 7.74 27.22
CA LEU A 301 -0.69 8.59 26.72
C LEU A 301 -1.53 9.05 27.89
N ALA A 302 -2.04 10.27 27.82
CA ALA A 302 -2.88 10.80 28.89
C ALA A 302 -4.23 10.09 28.89
N SER A 303 -4.55 9.43 30.01
CA SER A 303 -5.82 8.72 30.10
C SER A 303 -6.32 8.67 31.54
N HIS A 304 -7.50 8.12 31.72
CA HIS A 304 -8.11 7.95 33.04
C HIS A 304 -8.77 6.58 33.05
N PRO A 305 -8.67 5.86 34.16
CA PRO A 305 -9.28 4.53 34.20
C PRO A 305 -10.80 4.54 33.99
N VAL A 306 -11.29 3.47 33.37
CA VAL A 306 -12.71 3.29 33.11
C VAL A 306 -13.19 2.51 34.32
N ARG A 307 -13.93 3.17 35.21
CA ARG A 307 -14.42 2.56 36.45
C ARG A 307 -15.28 1.32 36.29
N GLN A 308 -16.29 1.38 35.45
CA GLN A 308 -17.15 0.22 35.27
C GLN A 308 -16.35 -1.00 34.82
N PHE A 309 -15.15 -0.77 34.28
CA PHE A 309 -14.33 -1.88 33.82
C PHE A 309 -13.67 -2.63 34.97
N ASP A 310 -13.29 -1.91 36.02
CA ASP A 310 -12.69 -2.55 37.19
C ASP A 310 -13.67 -3.58 37.76
N ARG A 311 -14.94 -3.21 37.84
CA ARG A 311 -15.95 -4.12 38.37
C ARG A 311 -16.07 -5.35 37.49
N TYR A 312 -16.16 -5.14 36.19
CA TYR A 312 -16.26 -6.23 35.23
C TYR A 312 -15.08 -7.18 35.31
N PHE A 313 -13.87 -6.63 35.23
CA PHE A 313 -12.68 -7.46 35.25
C PHE A 313 -12.48 -8.24 36.54
N GLN A 314 -12.74 -7.61 37.68
CA GLN A 314 -12.55 -8.28 38.95
C GLN A 314 -13.60 -9.34 39.23
N SER A 315 -14.69 -9.33 38.49
CA SER A 315 -15.74 -10.32 38.68
C SER A 315 -15.40 -11.57 37.88
N LEU A 316 -14.37 -11.50 37.05
CA LEU A 316 -13.98 -12.64 36.22
C LEU A 316 -13.17 -13.69 36.96
N ASN A 317 -13.53 -14.95 36.74
CA ASN A 317 -12.81 -16.07 37.34
C ASN A 317 -12.95 -17.26 36.40
N PRO A 318 -12.07 -18.25 36.53
CA PRO A 318 -12.10 -19.45 35.67
C PRO A 318 -13.44 -20.18 35.59
N TYR A 319 -14.29 -19.95 36.56
CA TYR A 319 -15.60 -20.59 36.57
C TYR A 319 -16.66 -19.85 35.74
N ASN A 320 -16.66 -18.51 35.76
CA ASN A 320 -17.66 -17.74 35.01
C ASN A 320 -17.17 -17.16 33.70
N ASN A 321 -15.90 -17.36 33.37
CA ASN A 321 -15.37 -16.79 32.13
C ASN A 321 -14.89 -17.81 31.10
N HIS A 322 -15.82 -18.57 30.55
CA HIS A 322 -15.48 -19.58 29.57
C HIS A 322 -15.35 -19.07 28.14
N ARG A 323 -15.87 -17.87 27.85
CA ARG A 323 -15.79 -17.35 26.49
C ARG A 323 -14.40 -16.87 26.11
N ASN A 324 -13.52 -16.70 27.09
CA ASN A 324 -12.15 -16.27 26.85
C ASN A 324 -11.27 -17.52 27.01
N PRO A 325 -10.95 -18.20 25.89
CA PRO A 325 -10.12 -19.41 25.89
C PRO A 325 -8.73 -19.27 26.48
N TRP A 326 -8.27 -18.03 26.65
CA TRP A 326 -6.94 -17.78 27.20
C TRP A 326 -6.96 -17.50 28.70
N PHE A 327 -8.14 -17.33 29.27
CA PHE A 327 -8.27 -17.01 30.69
C PHE A 327 -7.62 -18.01 31.64
N ARG A 328 -7.81 -19.31 31.41
CA ARG A 328 -7.19 -20.31 32.28
C ARG A 328 -5.66 -20.18 32.33
N ASP A 329 -5.00 -20.10 31.17
CA ASP A 329 -3.55 -19.93 31.19
C ASP A 329 -3.21 -18.64 31.91
N PHE A 330 -4.04 -17.62 31.70
CA PHE A 330 -3.84 -16.33 32.32
C PHE A 330 -3.89 -16.48 33.85
N TRP A 331 -4.94 -17.13 34.32
CA TRP A 331 -5.14 -17.35 35.74
C TRP A 331 -3.98 -18.13 36.36
N GLU A 332 -3.57 -19.21 35.72
CA GLU A 332 -2.47 -20.01 36.24
C GLU A 332 -1.16 -19.26 36.36
N GLN A 333 -0.93 -18.34 35.45
CA GLN A 333 0.31 -17.58 35.45
C GLN A 333 0.29 -16.45 36.46
N LYS A 334 -0.86 -15.76 36.56
CA LYS A 334 -1.00 -14.65 37.49
C LYS A 334 -0.84 -15.14 38.92
N PHE A 335 -1.53 -16.22 39.26
CA PHE A 335 -1.48 -16.76 40.60
C PHE A 335 -0.49 -17.92 40.79
N GLN A 336 0.25 -18.29 39.74
CA GLN A 336 1.21 -19.39 39.81
C GLN A 336 0.40 -20.64 40.17
N CYS A 337 -0.64 -20.87 39.37
CA CYS A 337 -1.57 -21.97 39.57
C CYS A 337 -1.33 -23.33 39.01
N SER A 338 -2.46 -23.98 38.76
CA SER A 338 -2.56 -25.31 38.22
C SER A 338 -3.92 -25.81 38.72
N LEU A 339 -4.66 -26.50 37.87
CA LEU A 339 -5.96 -27.04 38.24
C LEU A 339 -6.02 -28.47 37.75
N GLN A 340 -6.27 -28.62 36.46
CA GLN A 340 -6.34 -29.91 35.77
C GLN A 340 -6.14 -29.59 34.30
N ASN A 341 -5.90 -28.30 34.04
CA ASN A 341 -5.70 -27.79 32.68
C ASN A 341 -4.35 -27.06 32.59
N LYS A 342 -3.27 -27.78 32.88
CA LYS A 342 -1.93 -27.21 32.82
C LYS A 342 -0.89 -28.33 32.63
N ARG A 343 0.37 -27.94 32.51
CA ARG A 343 1.46 -28.90 32.32
C ARG A 343 1.63 -29.76 33.57
N ASN A 344 2.58 -30.69 33.52
CA ASN A 344 2.85 -31.59 34.64
C ASN A 344 3.55 -30.83 35.78
N HIS A 345 2.78 -30.05 36.53
CA HIS A 345 3.35 -29.25 37.61
C HIS A 345 2.89 -29.62 39.02
N ARG A 346 2.92 -28.62 39.90
CA ARG A 346 2.52 -28.79 41.30
C ARG A 346 1.63 -27.64 41.78
N GLN A 347 1.32 -27.67 43.07
CA GLN A 347 0.51 -26.65 43.74
C GLN A 347 -0.81 -26.32 43.06
N VAL A 348 -1.87 -27.05 43.42
CA VAL A 348 -3.19 -26.79 42.85
C VAL A 348 -3.56 -25.38 43.31
N CYS A 349 -4.65 -24.83 42.80
CA CYS A 349 -5.01 -23.49 43.18
C CYS A 349 -6.26 -23.24 43.99
N ASP A 350 -6.09 -22.40 45.01
CA ASP A 350 -7.15 -22.03 45.93
C ASP A 350 -8.35 -21.48 45.16
N LYS A 351 -9.48 -22.15 45.33
CA LYS A 351 -10.73 -21.78 44.67
C LYS A 351 -11.23 -20.41 45.10
N HIS A 352 -10.56 -19.80 46.06
CA HIS A 352 -10.95 -18.48 46.55
C HIS A 352 -10.14 -17.33 45.98
N LEU A 353 -9.16 -17.66 45.14
CA LEU A 353 -8.34 -16.63 44.51
C LEU A 353 -9.28 -15.71 43.74
N ALA A 354 -8.87 -14.47 43.57
CA ALA A 354 -9.68 -13.51 42.84
C ALA A 354 -8.87 -12.32 42.38
N ILE A 355 -9.31 -11.72 41.28
CA ILE A 355 -8.68 -10.53 40.74
C ILE A 355 -9.31 -9.45 41.62
N ASP A 356 -8.49 -8.71 42.35
CA ASP A 356 -9.04 -7.67 43.22
C ASP A 356 -8.12 -6.49 43.44
N SER A 357 -8.61 -5.52 44.21
CA SER A 357 -7.88 -4.29 44.48
C SER A 357 -6.43 -4.44 44.92
N SER A 358 -6.04 -5.63 45.38
CA SER A 358 -4.65 -5.81 45.81
C SER A 358 -3.71 -6.46 44.80
N ASN A 359 -4.24 -7.03 43.71
CA ASN A 359 -3.37 -7.66 42.71
C ASN A 359 -3.68 -7.21 41.28
N TYR A 360 -4.59 -6.26 41.17
CA TYR A 360 -4.99 -5.75 39.87
C TYR A 360 -5.00 -4.24 39.80
N GLU A 361 -4.64 -3.71 38.65
CA GLU A 361 -4.65 -2.28 38.40
C GLU A 361 -4.95 -2.11 36.93
N GLN A 362 -6.01 -1.37 36.61
CA GLN A 362 -6.40 -1.14 35.24
C GLN A 362 -5.23 -0.68 34.36
N GLU A 363 -5.05 -1.38 33.25
CA GLU A 363 -3.97 -1.07 32.31
C GLU A 363 -4.17 0.36 31.80
N SER A 364 -3.08 1.07 31.65
CA SER A 364 -3.12 2.45 31.22
C SER A 364 -3.94 2.77 29.98
N LYS A 365 -3.90 1.91 28.97
CA LYS A 365 -4.63 2.20 27.73
C LYS A 365 -6.03 1.62 27.57
N ILE A 366 -6.58 1.05 28.65
CA ILE A 366 -7.93 0.48 28.56
C ILE A 366 -8.95 1.45 27.98
N MET A 367 -8.87 2.71 28.38
CA MET A 367 -9.78 3.74 27.88
C MET A 367 -9.84 3.78 26.35
N PHE A 368 -8.66 3.67 25.72
CA PHE A 368 -8.58 3.73 24.26
C PHE A 368 -9.19 2.52 23.58
N VAL A 369 -9.12 1.37 24.23
CA VAL A 369 -9.70 0.16 23.70
C VAL A 369 -11.21 0.34 23.69
N VAL A 370 -11.75 0.81 24.81
CA VAL A 370 -13.18 1.02 24.92
C VAL A 370 -13.68 2.06 23.92
N ASN A 371 -12.99 3.19 23.82
CA ASN A 371 -13.46 4.20 22.87
C ASN A 371 -13.29 3.79 21.39
N ALA A 372 -12.34 2.90 21.10
CA ALA A 372 -12.14 2.46 19.74
C ALA A 372 -13.34 1.63 19.32
N VAL A 373 -13.76 0.72 20.20
CA VAL A 373 -14.91 -0.13 19.94
C VAL A 373 -16.17 0.74 19.82
N TYR A 374 -16.34 1.68 20.76
CA TYR A 374 -17.52 2.55 20.69
C TYR A 374 -17.52 3.42 19.43
N ALA A 375 -16.34 3.81 18.97
CA ALA A 375 -16.25 4.63 17.76
C ALA A 375 -16.80 3.82 16.59
N MET A 376 -16.37 2.57 16.49
CA MET A 376 -16.83 1.71 15.42
C MET A 376 -18.33 1.55 15.53
N ALA A 377 -18.83 1.35 16.74
CA ALA A 377 -20.27 1.18 16.98
C ALA A 377 -21.03 2.44 16.56
N HIS A 378 -20.60 3.59 17.04
CA HIS A 378 -21.29 4.83 16.68
C HIS A 378 -21.28 5.03 15.16
N ALA A 379 -20.22 4.60 14.50
CA ALA A 379 -20.13 4.73 13.04
C ALA A 379 -21.12 3.81 12.33
N LEU A 380 -21.31 2.61 12.88
CA LEU A 380 -22.25 1.67 12.29
C LEU A 380 -23.68 2.13 12.57
N HIS A 381 -23.90 2.63 13.77
CA HIS A 381 -25.21 3.13 14.17
C HIS A 381 -25.69 4.26 13.24
N LYS A 382 -24.83 5.25 13.04
CA LYS A 382 -25.18 6.37 12.17
C LYS A 382 -25.45 5.84 10.77
N MET A 383 -24.63 4.89 10.31
CA MET A 383 -24.84 4.34 8.99
C MET A 383 -26.17 3.57 8.93
N GLN A 384 -26.55 2.89 10.00
CA GLN A 384 -27.82 2.16 9.98
C GLN A 384 -29.00 3.14 10.03
N ARG A 385 -28.86 4.24 10.75
CA ARG A 385 -29.97 5.20 10.82
C ARG A 385 -30.15 5.83 9.44
N THR A 386 -29.04 6.03 8.75
CA THR A 386 -29.04 6.64 7.42
C THR A 386 -29.53 5.76 6.26
N LEU A 387 -29.20 4.46 6.30
CA LEU A 387 -29.60 3.56 5.24
C LEU A 387 -30.85 2.76 5.57
N CYS A 388 -31.13 2.59 6.86
CA CYS A 388 -32.30 1.84 7.30
C CYS A 388 -33.26 2.72 8.10
N PRO A 389 -33.78 3.79 7.49
CA PRO A 389 -34.71 4.70 8.16
C PRO A 389 -35.99 4.14 8.77
N GLN A 390 -36.48 3.01 8.25
CA GLN A 390 -37.73 2.43 8.76
C GLN A 390 -37.65 1.46 9.94
N THR A 391 -36.49 0.84 10.17
CA THR A 391 -36.33 -0.10 11.29
C THR A 391 -35.00 0.07 12.02
N THR A 392 -34.86 -0.63 13.14
CA THR A 392 -33.64 -0.57 13.94
C THR A 392 -32.76 -1.75 13.53
N LYS A 393 -33.29 -2.55 12.62
CA LYS A 393 -32.58 -3.73 12.16
C LYS A 393 -31.74 -3.50 10.92
N LEU A 394 -30.79 -4.41 10.73
CA LEU A 394 -29.89 -4.37 9.59
C LEU A 394 -30.77 -4.65 8.38
N CYS A 395 -31.20 -3.59 7.69
CA CYS A 395 -32.05 -3.75 6.53
C CYS A 395 -31.22 -4.20 5.34
N ASP A 396 -31.88 -4.69 4.29
CA ASP A 396 -31.19 -5.18 3.10
C ASP A 396 -30.15 -4.19 2.56
N ALA A 397 -30.49 -2.90 2.54
CA ALA A 397 -29.59 -1.86 2.04
C ALA A 397 -28.22 -1.86 2.74
N MET A 398 -28.15 -2.48 3.92
CA MET A 398 -26.91 -2.59 4.67
C MET A 398 -26.42 -4.03 4.73
N LYS A 399 -27.09 -4.91 3.97
CA LYS A 399 -26.72 -6.32 3.93
C LYS A 399 -25.24 -6.46 3.58
N ILE A 400 -24.79 -5.67 2.60
CA ILE A 400 -23.39 -5.68 2.20
C ILE A 400 -22.84 -4.28 2.42
N LEU A 401 -22.08 -4.12 3.50
CA LEU A 401 -21.54 -2.83 3.85
C LEU A 401 -20.55 -2.25 2.86
N ASP A 402 -20.60 -0.93 2.74
CA ASP A 402 -19.67 -0.20 1.90
C ASP A 402 -18.65 0.30 2.93
N GLY A 403 -17.52 -0.41 3.02
CA GLY A 403 -16.49 -0.06 3.99
C GLY A 403 -15.78 1.24 3.71
N LYS A 404 -15.79 1.65 2.45
CA LYS A 404 -15.16 2.91 2.07
C LYS A 404 -15.98 4.05 2.68
N LYS A 405 -17.29 3.95 2.53
CA LYS A 405 -18.22 4.95 3.08
C LYS A 405 -18.12 4.89 4.60
N LEU A 406 -18.17 3.67 5.13
CA LEU A 406 -18.07 3.46 6.56
C LEU A 406 -16.87 4.21 7.12
N TYR A 407 -15.72 4.03 6.49
CA TYR A 407 -14.51 4.70 6.95
C TYR A 407 -14.62 6.22 6.84
N LYS A 408 -15.46 6.71 5.92
CA LYS A 408 -15.71 8.16 5.76
C LYS A 408 -17.17 8.49 6.17
N GLU A 409 -17.49 8.06 7.40
CA GLU A 409 -18.78 8.17 8.13
C GLU A 409 -18.29 7.95 9.57
N TYR A 410 -17.09 7.39 9.66
CA TYR A 410 -16.43 7.07 10.90
C TYR A 410 -15.36 8.12 11.22
N LEU A 411 -14.72 8.67 10.18
CA LEU A 411 -13.72 9.70 10.38
C LEU A 411 -14.35 10.99 10.90
N LEU A 412 -15.62 11.20 10.56
CA LEU A 412 -16.35 12.39 10.96
C LEU A 412 -17.07 12.22 12.28
N LYS A 413 -16.94 11.05 12.87
CA LYS A 413 -17.63 10.78 14.12
C LYS A 413 -17.13 11.66 15.27
N ILE A 414 -18.06 12.08 16.12
CA ILE A 414 -17.76 12.90 17.29
C ILE A 414 -18.82 12.55 18.33
N GLN A 415 -18.40 11.95 19.44
CA GLN A 415 -19.36 11.57 20.47
C GLN A 415 -18.71 11.62 21.83
N PHE A 416 -19.51 11.62 22.90
CA PHE A 416 -18.95 11.68 24.23
C PHE A 416 -18.49 10.31 24.69
N THR A 417 -17.25 10.25 25.14
CA THR A 417 -16.64 9.01 25.60
C THR A 417 -17.64 8.12 26.30
N ALA A 418 -17.64 6.83 25.91
CA ALA A 418 -18.54 5.83 26.48
C ALA A 418 -18.83 6.22 27.93
N PRO A 419 -20.13 6.21 28.30
CA PRO A 419 -20.67 6.56 29.62
C PRO A 419 -19.62 6.49 30.72
N PHE A 420 -18.73 5.53 30.57
CA PHE A 420 -17.66 5.23 31.49
C PHE A 420 -16.65 6.35 31.73
N ASN A 421 -17.04 7.58 31.42
CA ASN A 421 -16.15 8.71 31.64
C ASN A 421 -16.84 9.86 32.34
N PRO A 422 -16.36 10.22 33.55
CA PRO A 422 -16.93 11.32 34.34
C PRO A 422 -16.89 12.63 33.57
N ASN A 423 -17.75 13.58 33.97
CA ASN A 423 -17.83 14.89 33.33
C ASN A 423 -17.95 14.80 31.81
N LYS A 424 -17.77 15.94 31.15
CA LYS A 424 -17.84 16.05 29.70
C LYS A 424 -17.09 17.31 29.27
N GLY A 425 -16.54 18.01 30.26
CA GLY A 425 -15.80 19.23 30.00
C GLY A 425 -14.30 19.04 29.88
N ALA A 426 -13.79 17.95 30.43
CA ALA A 426 -12.36 17.66 30.37
C ALA A 426 -12.05 17.06 29.00
N ASP A 427 -12.69 17.62 27.97
CA ASP A 427 -12.56 17.19 26.58
C ASP A 427 -12.60 15.66 26.48
N SER A 428 -13.74 15.10 26.90
CA SER A 428 -13.95 13.67 26.87
C SER A 428 -14.73 13.29 25.61
N ILE A 429 -14.29 13.82 24.48
CA ILE A 429 -14.95 13.56 23.22
C ILE A 429 -14.04 12.71 22.35
N VAL A 430 -14.59 11.66 21.73
CA VAL A 430 -13.75 10.83 20.87
C VAL A 430 -14.04 11.27 19.45
N LYS A 431 -12.97 11.47 18.68
CA LYS A 431 -13.08 11.90 17.30
C LYS A 431 -11.70 11.72 16.66
N PHE A 432 -11.61 11.95 15.36
CA PHE A 432 -10.36 11.77 14.63
C PHE A 432 -9.88 12.97 13.82
N ASP A 433 -8.55 13.05 13.68
CA ASP A 433 -7.84 14.05 12.88
C ASP A 433 -8.23 13.77 11.44
N THR A 434 -7.66 14.56 10.54
CA THR A 434 -7.87 14.35 9.11
C THR A 434 -7.03 13.11 8.78
N PHE A 435 -6.01 12.85 9.59
CA PHE A 435 -5.15 11.68 9.37
C PHE A 435 -5.66 10.46 10.13
N GLY A 436 -6.81 10.59 10.79
CA GLY A 436 -7.34 9.48 11.55
C GLY A 436 -6.64 9.28 12.89
N ASP A 437 -5.99 10.31 13.42
CA ASP A 437 -5.28 10.19 14.70
C ASP A 437 -6.02 10.80 15.87
N GLY A 438 -5.58 10.46 17.07
CA GLY A 438 -6.17 10.99 18.30
C GLY A 438 -5.34 12.17 18.78
N MET A 439 -5.73 12.75 19.92
CA MET A 439 -5.03 13.91 20.48
C MET A 439 -3.69 13.63 21.16
N GLY A 440 -2.68 14.41 20.81
CA GLY A 440 -1.36 14.23 21.38
C GLY A 440 -1.17 14.73 22.80
N ARG A 441 -1.74 14.03 23.79
CA ARG A 441 -1.61 14.39 25.20
C ARG A 441 -0.87 13.28 25.95
N TYR A 442 0.16 13.65 26.70
CA TYR A 442 0.91 12.65 27.45
C TYR A 442 1.08 13.03 28.91
N ASN A 443 1.39 12.03 29.72
CA ASN A 443 1.64 12.24 31.13
C ASN A 443 3.04 11.73 31.35
N VAL A 444 3.75 12.33 32.29
CA VAL A 444 5.11 11.90 32.58
C VAL A 444 5.09 11.22 33.93
N PHE A 445 5.79 10.10 34.04
CA PHE A 445 5.83 9.36 35.28
C PHE A 445 7.27 9.15 35.72
N ASN A 446 7.44 8.93 37.02
CA ASN A 446 8.73 8.70 37.64
C ASN A 446 8.60 7.43 38.47
N LEU A 447 9.51 6.49 38.28
CA LEU A 447 9.46 5.24 39.03
C LEU A 447 10.06 5.43 40.41
N GLN A 448 9.21 5.48 41.43
CA GLN A 448 9.66 5.66 42.81
C GLN A 448 9.58 4.36 43.60
N GLN A 449 9.85 4.44 44.90
CA GLN A 449 9.83 3.25 45.76
C GLN A 449 9.55 3.64 47.20
N THR A 450 9.50 4.94 47.46
CA THR A 450 9.25 5.51 48.78
C THR A 450 8.68 4.55 49.83
N GLY A 451 7.51 3.98 49.55
CA GLY A 451 6.90 3.07 50.50
C GLY A 451 7.38 1.63 50.46
N GLY A 452 8.70 1.44 50.34
CA GLY A 452 9.25 0.10 50.30
C GLY A 452 8.96 -0.59 48.97
N LYS A 453 7.79 -0.31 48.42
CA LYS A 453 7.34 -0.86 47.15
C LYS A 453 7.60 0.12 46.01
N TYR A 454 7.77 -0.40 44.81
CA TYR A 454 8.03 0.41 43.63
C TYR A 454 6.74 0.80 42.92
N SER A 455 6.64 2.07 42.49
CA SER A 455 5.45 2.56 41.82
C SER A 455 5.75 3.74 40.89
N TYR A 456 4.81 4.03 39.99
CA TYR A 456 4.96 5.14 39.06
C TYR A 456 4.13 6.32 39.56
N LEU A 457 4.76 7.48 39.67
CA LEU A 457 4.07 8.67 40.14
C LEU A 457 4.01 9.67 39.00
N LYS A 458 2.87 10.31 38.83
CA LYS A 458 2.74 11.30 37.77
C LYS A 458 3.48 12.54 38.22
N VAL A 459 4.54 12.90 37.49
CA VAL A 459 5.30 14.09 37.84
C VAL A 459 5.21 15.19 36.77
N GLY A 460 4.21 15.09 35.90
CA GLY A 460 4.04 16.10 34.86
C GLY A 460 3.19 15.63 33.70
N HIS A 461 3.23 16.40 32.62
CA HIS A 461 2.47 16.05 31.42
C HIS A 461 2.89 16.94 30.25
N TRP A 462 2.40 16.61 29.05
CA TRP A 462 2.72 17.35 27.86
C TRP A 462 1.46 17.49 27.00
N ALA A 463 1.10 18.72 26.67
CA ALA A 463 -0.10 18.98 25.87
C ALA A 463 0.28 19.74 24.61
N GLU A 464 1.29 20.59 24.71
CA GLU A 464 1.75 21.36 23.56
C GLU A 464 3.06 21.95 24.01
N THR A 465 3.15 22.11 25.33
CA THR A 465 4.31 22.65 26.02
C THR A 465 4.52 21.70 27.20
N LEU A 466 5.78 21.51 27.58
CA LEU A 466 6.08 20.63 28.69
C LEU A 466 5.57 21.21 30.00
N SER A 467 5.34 20.33 30.97
CA SER A 467 4.85 20.77 32.26
C SER A 467 5.13 19.68 33.30
N LEU A 468 5.83 20.04 34.37
CA LEU A 468 6.14 19.09 35.43
C LEU A 468 6.69 19.79 36.67
N ASP A 469 6.26 19.36 37.84
CA ASP A 469 6.76 19.96 39.07
C ASP A 469 7.98 19.14 39.50
N VAL A 470 9.14 19.70 39.24
CA VAL A 470 10.42 19.07 39.53
C VAL A 470 10.62 18.62 40.98
N ASP A 471 9.92 19.25 41.91
CA ASP A 471 10.09 18.90 43.31
C ASP A 471 9.61 17.51 43.71
N SER A 472 8.63 16.98 42.99
CA SER A 472 8.09 15.67 43.32
C SER A 472 8.88 14.50 42.73
N ILE A 473 9.84 14.80 41.86
CA ILE A 473 10.63 13.76 41.22
C ILE A 473 11.76 13.20 42.07
N HIS A 474 11.83 11.87 42.14
CA HIS A 474 12.86 11.16 42.89
C HIS A 474 13.86 10.64 41.87
N TRP A 475 15.07 11.18 41.89
CA TRP A 475 16.08 10.75 40.93
C TRP A 475 16.87 9.53 41.36
N SER A 476 17.69 9.03 40.43
CA SER A 476 18.55 7.88 40.68
C SER A 476 19.78 8.45 41.38
N ARG A 477 20.06 7.95 42.59
CA ARG A 477 21.19 8.43 43.36
C ARG A 477 20.86 9.78 44.00
N ASN A 478 19.61 9.94 44.42
CA ASN A 478 19.11 11.15 45.08
C ASN A 478 19.61 12.50 44.54
N SER A 479 20.03 12.55 43.29
CA SER A 479 20.53 13.80 42.74
C SER A 479 20.14 13.99 41.28
N VAL A 480 19.60 15.16 40.97
CA VAL A 480 19.20 15.47 39.60
C VAL A 480 20.39 15.20 38.68
N PRO A 481 20.26 14.17 37.82
CA PRO A 481 21.29 13.72 36.87
C PRO A 481 21.97 14.79 36.04
N THR A 482 23.24 14.55 35.75
CA THR A 482 24.03 15.43 34.91
C THR A 482 24.40 14.58 33.71
N SER A 483 24.07 15.05 32.51
CA SER A 483 24.38 14.30 31.30
C SER A 483 24.89 15.24 30.21
N GLN A 484 26.14 15.67 30.35
CA GLN A 484 26.76 16.56 29.39
C GLN A 484 28.00 15.91 28.82
N CYS A 485 28.41 16.32 27.64
CA CYS A 485 29.58 15.73 27.01
C CYS A 485 30.87 15.90 27.82
N SER A 486 31.16 17.13 28.21
CA SER A 486 32.39 17.40 28.96
C SER A 486 32.17 17.98 30.36
N ASP A 487 33.18 17.79 31.21
CA ASP A 487 33.14 18.28 32.59
C ASP A 487 33.09 19.79 32.63
N PRO A 488 32.40 20.34 33.63
CA PRO A 488 32.32 21.81 33.74
C PRO A 488 33.71 22.40 34.03
N CYS A 489 33.94 23.61 33.56
CA CYS A 489 35.24 24.25 33.78
C CYS A 489 35.40 24.77 35.19
N ALA A 490 36.63 24.83 35.65
CA ALA A 490 36.92 25.33 36.98
C ALA A 490 36.62 26.82 36.89
N PRO A 491 36.11 27.41 37.98
CA PRO A 491 35.78 28.84 37.96
C PRO A 491 37.03 29.67 37.96
N ASN A 492 37.74 29.56 39.09
CA ASN A 492 38.98 30.28 39.37
C ASN A 492 39.83 30.69 38.16
N GLU A 493 39.67 30.03 37.02
CA GLU A 493 40.49 30.43 35.88
C GLU A 493 40.22 29.85 34.51
N MET A 494 39.42 28.79 34.40
CA MET A 494 39.21 28.18 33.10
C MET A 494 38.09 28.80 32.26
N LYS A 495 38.35 28.89 30.95
CA LYS A 495 37.40 29.42 29.97
C LYS A 495 36.84 28.22 29.21
N ASN A 496 35.57 28.29 28.80
CA ASN A 496 34.96 27.20 28.06
C ASN A 496 35.37 27.30 26.60
N MET A 497 35.85 26.21 26.02
CA MET A 497 36.27 26.20 24.61
C MET A 497 35.57 25.13 23.77
N GLN A 498 34.80 25.58 22.79
CA GLN A 498 34.05 24.69 21.89
C GLN A 498 34.90 24.26 20.70
N PRO A 499 35.16 22.93 20.55
CA PRO A 499 35.95 22.40 19.45
C PRO A 499 35.25 22.45 18.09
N GLY A 500 34.97 21.28 17.53
CA GLY A 500 34.29 21.21 16.24
C GLY A 500 32.78 21.11 16.36
N ASP A 501 32.32 20.32 17.33
CA ASP A 501 30.89 20.15 17.54
C ASP A 501 30.30 21.23 18.45
N VAL A 502 29.04 21.04 18.85
CA VAL A 502 28.35 22.00 19.71
C VAL A 502 27.89 21.42 21.03
N CYS A 503 28.51 20.32 21.46
CA CYS A 503 28.14 19.71 22.73
C CYS A 503 29.33 19.48 23.63
N CYS A 504 30.47 19.16 23.03
CA CYS A 504 31.69 18.91 23.78
C CYS A 504 32.57 20.15 23.82
N TRP A 505 33.49 20.19 24.78
CA TRP A 505 34.39 21.34 24.92
C TRP A 505 35.57 21.03 25.84
N ILE A 506 36.57 21.90 25.81
CA ILE A 506 37.73 21.76 26.67
C ILE A 506 37.85 23.01 27.54
N CYS A 507 38.50 22.89 28.68
CA CYS A 507 38.68 24.01 29.58
C CYS A 507 40.12 24.49 29.54
N ILE A 508 40.30 25.78 29.29
CA ILE A 508 41.64 26.36 29.23
C ILE A 508 41.87 27.30 30.39
N PRO A 509 42.74 26.91 31.34
CA PRO A 509 42.95 27.83 32.45
C PRO A 509 43.53 29.11 31.85
N CYS A 510 43.27 30.25 32.47
CA CYS A 510 43.80 31.50 31.94
C CYS A 510 44.96 32.06 32.70
N GLU A 511 45.64 33.03 32.08
CA GLU A 511 46.80 33.67 32.69
C GLU A 511 46.35 34.39 33.96
N PRO A 512 47.16 34.33 35.01
CA PRO A 512 46.81 34.98 36.28
C PRO A 512 46.37 36.44 36.16
N TYR A 513 46.73 37.10 35.05
CA TYR A 513 46.36 38.49 34.85
C TYR A 513 45.15 38.66 33.95
N GLU A 514 44.48 37.56 33.63
CA GLU A 514 43.29 37.62 32.78
C GLU A 514 42.02 37.32 33.56
N TYR A 515 40.91 37.88 33.12
CA TYR A 515 39.63 37.62 33.78
C TYR A 515 38.68 37.06 32.72
N LEU A 516 37.55 36.53 33.15
CA LEU A 516 36.58 35.98 32.21
C LEU A 516 35.52 36.98 31.81
N VAL A 517 35.73 37.63 30.67
CA VAL A 517 34.79 38.61 30.16
C VAL A 517 33.45 37.88 29.98
N ASP A 518 33.53 36.58 29.75
CA ASP A 518 32.37 35.72 29.59
C ASP A 518 32.83 34.28 29.75
N GLU A 519 31.88 33.37 29.90
CA GLU A 519 32.16 31.95 30.09
C GLU A 519 33.23 31.34 29.17
N PHE A 520 33.30 31.78 27.92
CA PHE A 520 34.25 31.21 26.97
C PHE A 520 35.43 32.09 26.59
N THR A 521 35.54 33.27 27.19
CA THR A 521 36.63 34.15 26.79
C THR A 521 37.44 34.83 27.88
N CYS A 522 38.75 34.64 27.81
CA CYS A 522 39.64 35.27 28.76
C CYS A 522 40.25 36.50 28.14
N MET A 523 40.33 37.56 28.92
CA MET A 523 40.89 38.80 28.41
C MET A 523 41.84 39.40 29.42
N ASP A 524 42.91 40.00 28.91
CA ASP A 524 43.91 40.62 29.73
C ASP A 524 43.32 41.82 30.46
N CYS A 525 43.44 41.84 31.78
CA CYS A 525 42.92 42.95 32.57
C CYS A 525 43.70 44.21 32.22
N GLY A 526 44.86 44.02 31.59
CA GLY A 526 45.66 45.16 31.20
C GLY A 526 46.64 45.62 32.26
N PRO A 527 47.54 46.55 31.91
CA PRO A 527 48.54 47.08 32.85
C PRO A 527 47.91 47.81 34.03
N GLY A 528 48.57 47.71 35.18
CA GLY A 528 48.08 48.35 36.38
C GLY A 528 46.83 47.70 36.97
N GLN A 529 46.30 46.70 36.26
CA GLN A 529 45.10 46.01 36.71
C GLN A 529 45.31 44.51 36.89
N TRP A 530 44.41 43.88 37.62
CA TRP A 530 44.48 42.46 37.90
C TRP A 530 43.04 41.96 38.05
N PRO A 531 42.79 40.67 37.78
CA PRO A 531 41.45 40.13 37.90
C PRO A 531 40.93 40.02 39.33
N THR A 532 39.63 40.20 39.52
CA THR A 532 39.01 40.09 40.86
C THR A 532 38.99 38.62 41.28
N ALA A 533 38.98 38.37 42.58
CA ALA A 533 38.97 36.99 43.08
C ALA A 533 37.97 36.10 42.34
N ASP A 534 36.85 36.68 41.93
CA ASP A 534 35.83 35.89 41.24
C ASP A 534 35.97 35.88 39.72
N LEU A 535 36.95 36.64 39.23
CA LEU A 535 37.26 36.72 37.81
C LEU A 535 36.21 37.39 36.93
N SER A 536 35.24 38.04 37.56
CA SER A 536 34.17 38.71 36.82
C SER A 536 34.68 40.04 36.26
N GLY A 537 35.65 40.64 36.96
CA GLY A 537 36.19 41.90 36.50
C GLY A 537 37.64 42.12 36.91
N CYS A 538 38.06 43.38 36.86
CA CYS A 538 39.43 43.73 37.22
C CYS A 538 39.48 44.85 38.24
N TYR A 539 40.44 44.76 39.16
CA TYR A 539 40.63 45.79 40.16
C TYR A 539 42.03 46.36 40.00
N ASN A 540 42.21 47.62 40.39
CA ASN A 540 43.51 48.25 40.26
C ASN A 540 44.55 47.64 41.20
N LEU A 541 45.80 47.65 40.76
CA LEU A 541 46.90 47.12 41.56
C LEU A 541 47.49 48.26 42.40
N PRO A 542 47.94 47.95 43.62
CA PRO A 542 48.54 48.94 44.50
C PRO A 542 50.04 49.10 44.25
N GLU A 543 50.76 49.58 45.27
CA GLU A 543 52.22 49.78 45.20
C GLU A 543 52.67 50.86 44.21
N PHE B 4 -21.81 -22.03 -7.10
CA PHE B 4 -21.69 -23.42 -6.56
C PHE B 4 -20.38 -24.06 -7.01
N MET B 5 -20.06 -23.93 -8.30
CA MET B 5 -18.84 -24.48 -8.86
C MET B 5 -17.85 -23.42 -9.33
N ARG B 6 -16.85 -23.12 -8.49
CA ARG B 6 -15.83 -22.14 -8.83
C ARG B 6 -14.64 -22.94 -9.38
N ARG B 7 -14.49 -22.91 -10.69
CA ARG B 7 -13.44 -23.64 -11.39
C ARG B 7 -12.00 -23.17 -11.17
N GLU B 8 -11.06 -24.05 -11.47
CA GLU B 8 -9.65 -23.75 -11.32
C GLU B 8 -8.83 -24.89 -11.87
N ILE B 9 -7.55 -24.63 -12.13
CA ILE B 9 -6.65 -25.64 -12.64
C ILE B 9 -5.58 -25.91 -11.60
N LYS B 10 -5.51 -27.16 -11.16
CA LYS B 10 -4.53 -27.59 -10.15
C LYS B 10 -3.68 -28.74 -10.66
N ILE B 11 -2.40 -28.48 -10.88
CA ILE B 11 -1.49 -29.51 -11.34
C ILE B 11 -0.34 -29.51 -10.36
N GLU B 12 -0.12 -30.64 -9.70
CA GLU B 12 0.96 -30.75 -8.72
C GLU B 12 2.32 -30.73 -9.36
N GLY B 13 3.33 -30.39 -8.56
CA GLY B 13 4.70 -30.36 -9.04
C GLY B 13 5.66 -30.11 -7.90
N ASP B 14 6.96 -30.20 -8.16
CA ASP B 14 7.93 -29.95 -7.11
C ASP B 14 7.84 -28.47 -6.73
N LEU B 15 7.57 -27.65 -7.72
CA LEU B 15 7.39 -26.20 -7.53
C LEU B 15 6.09 -25.84 -8.26
N VAL B 16 5.28 -24.95 -7.68
CA VAL B 16 4.03 -24.56 -8.31
C VAL B 16 3.95 -23.08 -8.63
N LEU B 17 3.45 -22.76 -9.83
CA LEU B 17 3.27 -21.39 -10.23
C LEU B 17 1.78 -21.04 -10.26
N GLY B 18 1.43 -19.93 -9.62
CA GLY B 18 0.05 -19.51 -9.64
C GLY B 18 -0.20 -18.78 -10.96
N GLY B 19 -1.44 -18.81 -11.43
CA GLY B 19 -1.75 -18.12 -12.67
C GLY B 19 -3.06 -17.36 -12.56
N LEU B 20 -3.12 -16.18 -13.17
CA LEU B 20 -4.35 -15.38 -13.18
C LEU B 20 -4.60 -14.85 -14.59
N PHE B 21 -5.78 -15.18 -15.12
CA PHE B 21 -6.15 -14.72 -16.46
C PHE B 21 -7.62 -14.35 -16.48
N PRO B 22 -7.98 -13.32 -17.26
CA PRO B 22 -9.38 -12.90 -17.35
C PRO B 22 -10.09 -13.87 -18.28
N ILE B 23 -10.20 -15.12 -17.85
CA ILE B 23 -10.84 -16.18 -18.64
C ILE B 23 -12.25 -15.75 -19.03
N ASN B 24 -12.96 -15.16 -18.07
CA ASN B 24 -14.29 -14.67 -18.29
C ASN B 24 -14.32 -13.14 -18.22
N GLU B 25 -15.30 -12.57 -18.91
CA GLU B 25 -15.50 -11.13 -18.97
C GLU B 25 -16.18 -10.73 -17.64
N LYS B 26 -16.25 -9.43 -17.34
CA LYS B 26 -16.92 -8.99 -16.12
C LYS B 26 -18.35 -9.46 -16.13
N GLY B 27 -18.86 -9.81 -14.95
CA GLY B 27 -20.25 -10.24 -14.87
C GLY B 27 -21.09 -8.98 -14.91
N THR B 28 -22.27 -9.06 -15.54
CA THR B 28 -23.15 -7.89 -15.62
C THR B 28 -24.22 -7.95 -14.53
N GLY B 29 -24.35 -6.86 -13.78
CA GLY B 29 -25.34 -6.82 -12.72
C GLY B 29 -24.93 -7.59 -11.47
N THR B 30 -25.77 -8.53 -11.04
CA THR B 30 -25.51 -9.32 -9.83
C THR B 30 -24.50 -10.47 -10.00
N GLU B 31 -24.29 -10.93 -11.23
CA GLU B 31 -23.35 -12.01 -11.48
C GLU B 31 -21.92 -11.49 -11.49
N GLU B 32 -20.98 -12.32 -11.05
CA GLU B 32 -19.57 -11.94 -10.98
C GLU B 32 -18.79 -12.14 -12.27
N CYS B 33 -19.08 -13.22 -12.97
CA CYS B 33 -18.39 -13.53 -14.22
C CYS B 33 -19.42 -13.60 -15.33
N GLY B 34 -18.98 -13.34 -16.55
CA GLY B 34 -19.89 -13.37 -17.69
C GLY B 34 -19.46 -14.32 -18.79
N ARG B 35 -19.39 -13.82 -20.02
CA ARG B 35 -18.99 -14.61 -21.18
C ARG B 35 -17.50 -14.94 -21.15
N ILE B 36 -17.11 -15.91 -21.98
CA ILE B 36 -15.72 -16.33 -22.07
C ILE B 36 -14.93 -15.32 -22.88
N ASN B 37 -13.74 -14.95 -22.42
CA ASN B 37 -12.88 -14.02 -23.16
C ASN B 37 -12.00 -15.01 -23.91
N GLU B 38 -12.30 -15.20 -25.20
CA GLU B 38 -11.61 -16.17 -26.03
C GLU B 38 -10.12 -16.00 -26.27
N ASP B 39 -9.74 -14.84 -26.76
CA ASP B 39 -8.35 -14.53 -27.07
C ASP B 39 -7.46 -14.19 -25.87
N ARG B 40 -7.84 -13.16 -25.14
CA ARG B 40 -7.06 -12.73 -24.00
C ARG B 40 -7.32 -13.59 -22.78
N GLY B 41 -8.29 -14.49 -22.86
CA GLY B 41 -8.61 -15.33 -21.73
C GLY B 41 -8.14 -16.76 -21.92
N ILE B 42 -8.87 -17.50 -22.75
CA ILE B 42 -8.54 -18.89 -23.03
C ILE B 42 -7.16 -19.07 -23.65
N GLN B 43 -6.84 -18.29 -24.68
CA GLN B 43 -5.53 -18.42 -25.32
C GLN B 43 -4.39 -18.22 -24.33
N ARG B 44 -4.38 -17.07 -23.66
CA ARG B 44 -3.32 -16.76 -22.69
C ARG B 44 -3.22 -17.85 -21.63
N LEU B 45 -4.36 -18.37 -21.21
CA LEU B 45 -4.37 -19.44 -20.23
C LEU B 45 -3.58 -20.64 -20.79
N GLU B 46 -3.96 -21.06 -21.99
CA GLU B 46 -3.32 -22.21 -22.63
C GLU B 46 -1.87 -21.93 -22.99
N ALA B 47 -1.51 -20.66 -23.21
CA ALA B 47 -0.11 -20.36 -23.51
C ALA B 47 0.72 -20.65 -22.25
N MET B 48 0.13 -20.51 -21.07
CA MET B 48 0.84 -20.81 -19.83
C MET B 48 0.97 -22.33 -19.68
N LEU B 49 -0.09 -23.05 -19.99
CA LEU B 49 -0.08 -24.51 -19.92
C LEU B 49 0.96 -24.99 -20.95
N PHE B 50 0.99 -24.30 -22.09
CA PHE B 50 1.92 -24.64 -23.15
C PHE B 50 3.36 -24.49 -22.63
N ALA B 51 3.68 -23.31 -22.09
CA ALA B 51 5.00 -23.02 -21.57
C ALA B 51 5.45 -24.01 -20.48
N ILE B 52 4.55 -24.30 -19.54
CA ILE B 52 4.85 -25.24 -18.47
C ILE B 52 5.18 -26.63 -19.05
N ASP B 53 4.40 -27.09 -20.03
CA ASP B 53 4.65 -28.39 -20.65
C ASP B 53 6.06 -28.42 -21.28
N GLU B 54 6.37 -27.38 -22.04
CA GLU B 54 7.66 -27.27 -22.70
C GLU B 54 8.79 -27.28 -21.67
N ILE B 55 8.63 -26.49 -20.60
CA ILE B 55 9.66 -26.44 -19.57
C ILE B 55 9.80 -27.81 -18.94
N ASN B 56 8.68 -28.50 -18.72
CA ASN B 56 8.74 -29.82 -18.11
C ASN B 56 9.32 -30.90 -19.04
N LYS B 57 9.68 -30.52 -20.27
CA LYS B 57 10.28 -31.43 -21.26
C LYS B 57 11.68 -30.93 -21.59
N ASP B 58 12.05 -29.77 -21.08
CA ASP B 58 13.37 -29.17 -21.33
C ASP B 58 14.40 -29.68 -20.31
N ASN B 59 15.39 -30.43 -20.79
CA ASN B 59 16.41 -30.97 -19.88
C ASN B 59 17.47 -29.96 -19.45
N TYR B 60 17.43 -28.75 -20.00
CA TYR B 60 18.42 -27.73 -19.65
C TYR B 60 17.83 -26.65 -18.75
N LEU B 61 16.51 -26.70 -18.56
CA LEU B 61 15.82 -25.73 -17.73
C LEU B 61 14.98 -26.45 -16.69
N LEU B 62 15.40 -26.34 -15.43
CA LEU B 62 14.66 -26.99 -14.36
C LEU B 62 14.59 -28.50 -14.56
N PRO B 63 15.67 -29.12 -15.07
CA PRO B 63 15.58 -30.58 -15.24
C PRO B 63 15.53 -31.07 -13.79
N GLY B 64 14.87 -32.17 -13.50
CA GLY B 64 14.85 -32.59 -12.11
C GLY B 64 13.85 -31.85 -11.23
N VAL B 65 13.20 -30.83 -11.76
CA VAL B 65 12.20 -30.12 -10.96
C VAL B 65 10.97 -29.86 -11.80
N LYS B 66 9.91 -30.62 -11.54
CA LYS B 66 8.68 -30.48 -12.28
C LYS B 66 7.86 -29.26 -11.80
N LEU B 67 7.39 -28.46 -12.75
CA LEU B 67 6.59 -27.28 -12.42
C LEU B 67 5.11 -27.61 -12.48
N GLY B 68 4.39 -27.25 -11.42
CA GLY B 68 2.95 -27.48 -11.38
C GLY B 68 2.32 -26.12 -11.58
N VAL B 69 1.02 -26.02 -11.41
CA VAL B 69 0.34 -24.74 -11.59
C VAL B 69 -0.94 -24.66 -10.76
N HIS B 70 -1.37 -23.44 -10.52
CA HIS B 70 -2.61 -23.18 -9.82
C HIS B 70 -3.11 -21.94 -10.53
N ILE B 71 -3.90 -22.18 -11.57
CA ILE B 71 -4.44 -21.10 -12.37
C ILE B 71 -5.86 -20.78 -11.98
N LEU B 72 -6.15 -19.49 -11.84
CA LEU B 72 -7.46 -19.03 -11.46
C LEU B 72 -7.96 -17.98 -12.42
N ASP B 73 -9.27 -17.76 -12.38
CA ASP B 73 -9.99 -16.81 -13.21
C ASP B 73 -10.08 -15.48 -12.46
N THR B 74 -9.89 -14.35 -13.16
CA THR B 74 -10.00 -13.06 -12.49
C THR B 74 -11.35 -12.43 -12.83
N CYS B 75 -12.01 -13.01 -13.82
CA CYS B 75 -13.30 -12.53 -14.32
C CYS B 75 -13.23 -11.04 -14.61
N SER B 76 -12.03 -10.62 -15.01
CA SER B 76 -11.77 -9.24 -15.37
C SER B 76 -12.06 -8.21 -14.28
N ARG B 77 -12.15 -8.66 -13.03
CA ARG B 77 -12.41 -7.74 -11.94
C ARG B 77 -11.36 -7.80 -10.84
N ASP B 78 -10.78 -6.66 -10.50
CA ASP B 78 -9.78 -6.64 -9.45
C ASP B 78 -10.27 -7.28 -8.13
N THR B 79 -11.45 -6.92 -7.66
CA THR B 79 -11.95 -7.48 -6.40
C THR B 79 -12.04 -9.01 -6.44
N TYR B 80 -12.52 -9.55 -7.54
CA TYR B 80 -12.65 -10.99 -7.71
C TYR B 80 -11.25 -11.65 -7.77
N ALA B 81 -10.35 -11.03 -8.53
CA ALA B 81 -8.99 -11.55 -8.68
C ALA B 81 -8.37 -11.59 -7.29
N LEU B 82 -8.65 -10.53 -6.54
CA LEU B 82 -8.16 -10.40 -5.19
C LEU B 82 -8.67 -11.56 -4.33
N GLU B 83 -9.98 -11.78 -4.31
CA GLU B 83 -10.51 -12.87 -3.48
C GLU B 83 -9.88 -14.22 -3.90
N GLN B 84 -9.74 -14.44 -5.20
CA GLN B 84 -9.15 -15.67 -5.73
C GLN B 84 -7.70 -15.83 -5.26
N SER B 85 -6.92 -14.76 -5.32
CA SER B 85 -5.53 -14.81 -4.92
C SER B 85 -5.27 -15.23 -3.50
N LEU B 86 -6.25 -15.02 -2.62
CA LEU B 86 -6.10 -15.39 -1.22
C LEU B 86 -5.67 -16.86 -1.18
N GLU B 87 -6.10 -17.59 -2.20
CA GLU B 87 -5.80 -19.01 -2.37
C GLU B 87 -4.30 -19.25 -2.44
N PHE B 88 -3.58 -18.28 -3.00
CA PHE B 88 -2.13 -18.38 -3.14
C PHE B 88 -1.41 -18.17 -1.81
N VAL B 89 -1.95 -17.32 -0.95
CA VAL B 89 -1.28 -17.08 0.33
C VAL B 89 -1.66 -18.08 1.41
N ARG B 90 -2.87 -18.64 1.35
CA ARG B 90 -3.28 -19.63 2.36
C ARG B 90 -2.35 -20.83 2.17
N ALA B 91 -1.91 -21.01 0.94
CA ALA B 91 -1.03 -22.10 0.57
C ALA B 91 0.25 -22.15 1.39
N SER B 92 0.76 -20.98 1.76
CA SER B 92 1.98 -20.89 2.54
C SER B 92 1.74 -21.00 4.04
N LEU B 93 0.73 -21.80 4.42
CA LEU B 93 0.40 -21.99 5.82
C LEU B 93 0.38 -23.47 6.21
N ILE B 114 -4.31 -30.43 0.41
CA ILE B 114 -5.22 -29.82 -0.54
C ILE B 114 -4.60 -28.57 -1.22
N PRO B 115 -4.05 -27.63 -0.41
CA PRO B 115 -3.45 -26.41 -0.96
C PRO B 115 -2.02 -26.60 -1.51
N LEU B 116 -1.73 -25.92 -2.62
CA LEU B 116 -0.41 -25.98 -3.28
C LEU B 116 0.45 -24.76 -2.97
N LEU B 117 1.70 -24.99 -2.55
CA LEU B 117 2.61 -23.90 -2.23
C LEU B 117 3.03 -23.13 -3.49
N ILE B 118 2.81 -21.82 -3.50
CA ILE B 118 3.11 -20.98 -4.64
C ILE B 118 4.49 -20.36 -4.63
N ALA B 119 5.30 -20.71 -5.62
CA ALA B 119 6.64 -20.16 -5.72
C ALA B 119 6.55 -18.73 -6.27
N GLY B 120 5.63 -18.50 -7.20
CA GLY B 120 5.45 -17.19 -7.80
C GLY B 120 4.16 -17.17 -8.60
N VAL B 121 3.66 -15.99 -8.92
CA VAL B 121 2.41 -15.91 -9.66
C VAL B 121 2.57 -15.28 -11.02
N ILE B 122 1.97 -15.91 -12.01
CA ILE B 122 2.04 -15.38 -13.37
C ILE B 122 0.72 -14.68 -13.63
N GLY B 123 0.72 -13.36 -13.73
CA GLY B 123 -0.57 -12.81 -14.00
C GLY B 123 -1.01 -11.43 -13.70
N GLY B 124 -2.26 -11.27 -14.12
CA GLY B 124 -2.99 -10.05 -14.07
C GLY B 124 -2.87 -9.63 -15.52
N SER B 125 -3.98 -9.31 -16.15
CA SER B 125 -3.94 -8.80 -17.51
C SER B 125 -4.26 -7.34 -17.28
N TYR B 126 -5.44 -7.07 -16.69
CA TYR B 126 -5.83 -5.69 -16.39
C TYR B 126 -4.96 -5.12 -15.28
N SER B 127 -4.47 -3.91 -15.47
CA SER B 127 -3.62 -3.30 -14.45
C SER B 127 -4.27 -3.29 -13.07
N SER B 128 -5.56 -2.96 -13.01
CA SER B 128 -6.24 -2.91 -11.73
C SER B 128 -6.12 -4.24 -10.99
N VAL B 129 -6.30 -5.36 -11.68
CA VAL B 129 -6.16 -6.61 -10.97
C VAL B 129 -4.71 -6.89 -10.58
N SER B 130 -3.74 -6.56 -11.45
CA SER B 130 -2.33 -6.82 -11.13
C SER B 130 -1.87 -6.03 -9.91
N ILE B 131 -2.36 -4.79 -9.82
CA ILE B 131 -2.02 -3.90 -8.72
C ILE B 131 -2.57 -4.41 -7.39
N GLN B 132 -3.88 -4.70 -7.34
CA GLN B 132 -4.47 -5.19 -6.10
C GLN B 132 -3.83 -6.53 -5.72
N VAL B 133 -3.63 -7.40 -6.70
CA VAL B 133 -3.02 -8.70 -6.42
C VAL B 133 -1.60 -8.47 -5.91
N ALA B 134 -0.91 -7.51 -6.51
CA ALA B 134 0.44 -7.23 -6.08
C ALA B 134 0.45 -6.74 -4.63
N ASN B 135 -0.59 -6.00 -4.26
CA ASN B 135 -0.66 -5.47 -2.90
C ASN B 135 -0.81 -6.60 -1.90
N LEU B 136 -1.45 -7.69 -2.33
CA LEU B 136 -1.64 -8.85 -1.47
C LEU B 136 -0.39 -9.74 -1.43
N LEU B 137 0.11 -10.10 -2.61
CA LEU B 137 1.28 -10.96 -2.73
C LEU B 137 2.56 -10.46 -2.03
N ARG B 138 2.79 -9.15 -2.04
CA ARG B 138 3.99 -8.61 -1.40
C ARG B 138 4.01 -8.90 0.11
N LEU B 139 2.83 -8.92 0.72
CA LEU B 139 2.71 -9.21 2.15
C LEU B 139 3.27 -10.57 2.52
N PHE B 140 3.30 -11.49 1.57
CA PHE B 140 3.82 -12.82 1.84
C PHE B 140 5.01 -13.12 0.92
N GLN B 141 5.65 -12.05 0.46
CA GLN B 141 6.80 -12.14 -0.43
C GLN B 141 6.69 -13.16 -1.54
N ILE B 142 5.60 -13.06 -2.30
CA ILE B 142 5.38 -13.97 -3.40
C ILE B 142 5.62 -13.18 -4.68
N PRO B 143 6.69 -13.52 -5.43
CA PRO B 143 6.97 -12.80 -6.67
C PRO B 143 5.86 -12.95 -7.70
N GLN B 144 5.68 -11.90 -8.49
CA GLN B 144 4.64 -11.86 -9.47
C GLN B 144 5.16 -11.26 -10.78
N ILE B 145 4.76 -11.86 -11.90
CA ILE B 145 5.16 -11.38 -13.22
C ILE B 145 3.91 -11.26 -14.08
N SER B 146 3.59 -10.03 -14.46
CA SER B 146 2.43 -9.82 -15.31
C SER B 146 2.88 -9.78 -16.76
N TYR B 147 2.04 -10.33 -17.64
CA TYR B 147 2.32 -10.39 -19.07
C TYR B 147 1.52 -9.35 -19.89
N ALA B 148 0.73 -8.51 -19.23
CA ALA B 148 -0.07 -7.53 -19.96
C ALA B 148 -0.37 -6.21 -19.26
N SER B 149 -0.18 -6.14 -17.95
CA SER B 149 -0.48 -4.92 -17.22
C SER B 149 0.56 -3.85 -17.47
N THR B 150 0.14 -2.78 -18.14
CA THR B 150 1.05 -1.71 -18.49
C THR B 150 1.00 -0.41 -17.70
N SER B 151 0.19 -0.34 -16.65
CA SER B 151 0.13 0.88 -15.89
C SER B 151 1.47 1.33 -15.31
N ALA B 152 1.80 2.60 -15.51
CA ALA B 152 3.04 3.17 -15.00
C ALA B 152 3.17 3.04 -13.48
N LYS B 153 2.04 3.05 -12.77
CA LYS B 153 2.09 2.91 -11.33
C LYS B 153 2.95 1.72 -10.92
N LEU B 154 2.77 0.62 -11.63
CA LEU B 154 3.46 -0.62 -11.35
C LEU B 154 4.99 -0.57 -11.41
N SER B 155 5.55 0.55 -11.83
CA SER B 155 7.02 0.67 -11.91
C SER B 155 7.59 1.14 -10.57
N ASP B 156 6.71 1.50 -9.65
CA ASP B 156 7.11 1.98 -8.33
C ASP B 156 7.45 0.84 -7.36
N LYS B 157 8.72 0.47 -7.30
CA LYS B 157 9.17 -0.61 -6.43
C LYS B 157 9.07 -0.33 -4.93
N SER B 158 8.50 0.82 -4.55
CA SER B 158 8.35 1.14 -3.13
C SER B 158 6.96 0.68 -2.68
N ARG B 159 6.09 0.42 -3.66
CA ARG B 159 4.74 -0.05 -3.38
C ARG B 159 4.56 -1.47 -3.92
N TYR B 160 5.11 -1.73 -5.10
CA TYR B 160 5.00 -3.05 -5.72
C TYR B 160 6.38 -3.69 -5.83
N ASP B 161 6.98 -3.95 -4.66
CA ASP B 161 8.31 -4.53 -4.59
C ASP B 161 8.44 -6.00 -4.94
N TYR B 162 7.35 -6.68 -5.24
CA TYR B 162 7.43 -8.08 -5.62
C TYR B 162 6.85 -8.28 -7.01
N PHE B 163 6.69 -7.17 -7.73
CA PHE B 163 6.12 -7.20 -9.06
C PHE B 163 7.11 -6.85 -10.16
N ALA B 164 7.00 -7.60 -11.26
CA ALA B 164 7.82 -7.41 -12.45
C ALA B 164 6.85 -7.73 -13.57
N ARG B 165 7.25 -7.45 -14.80
CA ARG B 165 6.38 -7.68 -15.93
C ARG B 165 7.25 -7.75 -17.19
N THR B 166 6.79 -8.52 -18.17
CA THR B 166 7.49 -8.66 -19.44
C THR B 166 7.02 -7.60 -20.46
N VAL B 167 6.35 -6.56 -19.98
CA VAL B 167 5.86 -5.50 -20.87
C VAL B 167 6.23 -4.13 -20.31
N PRO B 168 6.18 -3.07 -21.13
CA PRO B 168 6.54 -1.71 -20.70
C PRO B 168 5.44 -0.87 -20.06
N PRO B 169 5.83 0.19 -19.34
CA PRO B 169 4.89 1.11 -18.67
C PRO B 169 4.29 2.05 -19.73
N ASP B 170 3.02 2.39 -19.57
CA ASP B 170 2.36 3.26 -20.53
C ASP B 170 2.92 4.67 -20.59
N PHE B 171 3.95 4.92 -19.79
CA PHE B 171 4.65 6.19 -19.79
C PHE B 171 5.07 6.41 -21.24
N TYR B 172 5.48 5.32 -21.87
CA TYR B 172 5.92 5.34 -23.26
C TYR B 172 4.78 5.27 -24.27
N GLN B 173 3.83 4.36 -24.07
CA GLN B 173 2.72 4.22 -25.00
C GLN B 173 2.01 5.55 -25.20
N ALA B 174 1.87 6.31 -24.12
CA ALA B 174 1.21 7.61 -24.16
C ALA B 174 2.01 8.58 -25.03
N LYS B 175 3.34 8.41 -25.06
CA LYS B 175 4.19 9.27 -25.87
C LYS B 175 4.02 8.94 -27.35
N ALA B 176 3.94 7.65 -27.66
CA ALA B 176 3.78 7.22 -29.03
C ALA B 176 2.46 7.76 -29.57
N MET B 177 1.43 7.76 -28.73
CA MET B 177 0.11 8.25 -29.12
C MET B 177 0.10 9.75 -29.37
N ALA B 178 0.72 10.50 -28.47
CA ALA B 178 0.77 11.96 -28.61
C ALA B 178 1.67 12.37 -29.79
N GLU B 179 2.68 11.56 -30.10
CA GLU B 179 3.57 11.88 -31.21
C GLU B 179 2.89 11.61 -32.54
N ILE B 180 1.92 10.69 -32.55
CA ILE B 180 1.21 10.40 -33.77
C ILE B 180 0.27 11.58 -34.07
N LEU B 181 -0.37 12.11 -33.02
CA LEU B 181 -1.28 13.24 -33.20
C LEU B 181 -0.47 14.45 -33.66
N ARG B 182 0.63 14.72 -32.97
CA ARG B 182 1.50 15.84 -33.31
C ARG B 182 2.01 15.74 -34.74
N PHE B 183 2.07 14.52 -35.27
CA PHE B 183 2.54 14.30 -36.62
C PHE B 183 1.52 14.80 -37.64
N PHE B 184 0.30 14.29 -37.55
CA PHE B 184 -0.76 14.70 -38.46
C PHE B 184 -1.39 16.01 -38.04
N ASN B 185 -0.67 16.72 -37.16
CA ASN B 185 -1.11 18.01 -36.66
C ASN B 185 -2.50 18.02 -36.02
N TRP B 186 -2.90 16.91 -35.40
CA TRP B 186 -4.20 16.85 -34.74
C TRP B 186 -4.01 17.58 -33.42
N THR B 187 -4.32 18.88 -33.41
CA THR B 187 -4.15 19.73 -32.25
C THR B 187 -5.40 19.90 -31.39
N TYR B 188 -6.53 19.43 -31.89
CA TYR B 188 -7.80 19.54 -31.16
C TYR B 188 -8.45 18.17 -31.16
N VAL B 189 -8.35 17.49 -30.02
CA VAL B 189 -8.91 16.15 -29.89
C VAL B 189 -9.70 15.94 -28.60
N SER B 190 -10.51 14.89 -28.60
CA SER B 190 -11.28 14.51 -27.42
C SER B 190 -10.66 13.21 -26.89
N THR B 191 -10.77 12.97 -25.59
CA THR B 191 -10.23 11.75 -25.01
C THR B 191 -11.27 11.09 -24.13
N VAL B 192 -11.23 9.75 -24.09
CA VAL B 192 -12.12 8.99 -23.23
C VAL B 192 -11.24 7.90 -22.61
N ALA B 193 -11.23 7.85 -21.29
CA ALA B 193 -10.41 6.89 -20.55
C ALA B 193 -11.29 6.01 -19.67
N SER B 194 -10.83 4.78 -19.45
CA SER B 194 -11.55 3.85 -18.58
C SER B 194 -11.18 4.24 -17.15
N GLU B 195 -12.13 4.04 -16.24
CA GLU B 195 -11.86 4.33 -14.83
C GLU B 195 -10.99 3.16 -14.39
N GLY B 196 -9.99 3.46 -13.57
CA GLY B 196 -9.11 2.42 -13.11
C GLY B 196 -7.68 2.89 -13.29
N ASP B 197 -6.73 2.07 -12.86
CA ASP B 197 -5.33 2.43 -12.96
C ASP B 197 -4.77 2.38 -14.39
N TYR B 198 -5.50 1.70 -15.29
CA TYR B 198 -5.03 1.61 -16.66
C TYR B 198 -5.44 2.85 -17.42
N GLY B 199 -6.76 3.08 -17.49
CA GLY B 199 -7.29 4.21 -18.21
C GLY B 199 -6.88 5.57 -17.68
N GLU B 200 -7.04 5.79 -16.37
CA GLU B 200 -6.70 7.08 -15.81
C GLU B 200 -5.21 7.44 -15.84
N THR B 201 -4.34 6.57 -15.36
CA THR B 201 -2.91 6.91 -15.39
C THR B 201 -2.45 6.96 -16.84
N GLY B 202 -3.02 6.10 -17.67
CA GLY B 202 -2.65 6.10 -19.07
C GLY B 202 -3.02 7.42 -19.73
N ILE B 203 -4.26 7.86 -19.49
CA ILE B 203 -4.74 9.12 -20.05
C ILE B 203 -4.02 10.31 -19.43
N GLU B 204 -3.60 10.18 -18.17
CA GLU B 204 -2.87 11.27 -17.53
C GLU B 204 -1.54 11.49 -18.25
N ALA B 205 -0.88 10.40 -18.61
CA ALA B 205 0.39 10.50 -19.30
C ALA B 205 0.21 11.20 -20.64
N PHE B 206 -0.81 10.77 -21.38
CA PHE B 206 -1.12 11.37 -22.67
C PHE B 206 -1.36 12.87 -22.55
N GLU B 207 -2.20 13.28 -21.60
CA GLU B 207 -2.50 14.68 -21.41
C GLU B 207 -1.22 15.50 -21.24
N GLN B 208 -0.27 14.98 -20.48
CA GLN B 208 0.98 15.68 -20.25
C GLN B 208 1.77 15.76 -21.56
N GLU B 209 1.84 14.64 -22.26
CA GLU B 209 2.55 14.59 -23.53
C GLU B 209 1.91 15.52 -24.55
N ALA B 210 0.58 15.60 -24.52
CA ALA B 210 -0.15 16.47 -25.42
C ALA B 210 0.23 17.94 -25.24
N ARG B 211 0.16 18.44 -24.01
CA ARG B 211 0.50 19.83 -23.72
C ARG B 211 1.85 20.20 -24.32
N LEU B 212 2.87 19.42 -23.99
CA LEU B 212 4.22 19.69 -24.49
C LEU B 212 4.27 19.81 -26.01
N ARG B 213 3.38 19.11 -26.70
CA ARG B 213 3.35 19.13 -28.17
C ARG B 213 2.22 20.02 -28.71
N ASN B 214 1.77 20.95 -27.87
CA ASN B 214 0.71 21.89 -28.22
C ASN B 214 -0.56 21.26 -28.78
N ILE B 215 -1.05 20.23 -28.11
CA ILE B 215 -2.28 19.56 -28.53
C ILE B 215 -3.31 19.82 -27.44
N CYS B 216 -4.42 20.43 -27.83
CA CYS B 216 -5.49 20.75 -26.89
C CYS B 216 -6.51 19.64 -26.85
N ILE B 217 -7.18 19.52 -25.71
CA ILE B 217 -8.20 18.51 -25.53
C ILE B 217 -9.56 19.19 -25.48
N ALA B 218 -10.41 18.85 -26.44
CA ALA B 218 -11.76 19.40 -26.55
C ALA B 218 -12.61 19.00 -25.36
N THR B 219 -12.67 17.70 -25.08
CA THR B 219 -13.45 17.21 -23.96
C THR B 219 -12.86 15.89 -23.45
N ALA B 220 -12.64 15.81 -22.14
CA ALA B 220 -12.08 14.61 -21.52
C ALA B 220 -13.14 13.78 -20.80
N GLU B 221 -13.62 12.73 -21.48
CA GLU B 221 -14.64 11.86 -20.92
C GLU B 221 -14.02 10.62 -20.27
N LYS B 222 -14.82 9.89 -19.50
CA LYS B 222 -14.34 8.67 -18.85
C LYS B 222 -15.48 7.78 -18.38
N VAL B 223 -15.43 6.51 -18.77
CA VAL B 223 -16.43 5.52 -18.38
C VAL B 223 -15.79 4.65 -17.31
N GLY B 224 -16.59 3.86 -16.59
CA GLY B 224 -15.99 3.04 -15.56
C GLY B 224 -16.73 1.83 -15.03
N ARG B 225 -16.67 1.68 -13.70
CA ARG B 225 -17.30 0.57 -12.99
C ARG B 225 -18.82 0.52 -13.13
N SER B 226 -19.34 -0.69 -13.33
CA SER B 226 -20.77 -0.94 -13.47
C SER B 226 -21.50 0.03 -14.41
N ASN B 227 -20.81 0.42 -15.49
CA ASN B 227 -21.41 1.33 -16.46
C ASN B 227 -22.29 0.61 -17.48
N ILE B 228 -23.45 1.19 -17.74
CA ILE B 228 -24.42 0.63 -18.68
C ILE B 228 -24.48 1.48 -19.95
N ARG B 229 -25.35 1.11 -20.88
CA ARG B 229 -25.49 1.83 -22.14
C ARG B 229 -25.50 3.35 -21.97
N LYS B 230 -26.48 3.87 -21.22
CA LYS B 230 -26.62 5.30 -20.99
C LYS B 230 -25.33 6.04 -20.61
N SER B 231 -24.45 5.39 -19.86
CA SER B 231 -23.20 6.00 -19.47
C SER B 231 -22.35 6.21 -20.72
N TYR B 232 -22.39 5.23 -21.63
CA TYR B 232 -21.65 5.30 -22.87
C TYR B 232 -22.34 6.18 -23.90
N ASP B 233 -23.65 5.99 -24.06
CA ASP B 233 -24.43 6.80 -25.00
C ASP B 233 -24.16 8.26 -24.67
N SER B 234 -24.12 8.56 -23.37
CA SER B 234 -23.86 9.91 -22.89
C SER B 234 -22.46 10.39 -23.28
N VAL B 235 -21.51 9.46 -23.38
CA VAL B 235 -20.15 9.83 -23.76
C VAL B 235 -20.14 10.21 -25.22
N ILE B 236 -20.86 9.43 -26.02
CA ILE B 236 -20.95 9.70 -27.45
C ILE B 236 -21.56 11.07 -27.69
N ARG B 237 -22.66 11.37 -27.00
CA ARG B 237 -23.31 12.65 -27.17
C ARG B 237 -22.36 13.81 -26.87
N GLU B 238 -21.55 13.66 -25.83
CA GLU B 238 -20.61 14.71 -25.45
C GLU B 238 -19.45 14.85 -26.45
N LEU B 239 -19.12 13.75 -27.14
CA LEU B 239 -18.05 13.79 -28.13
C LEU B 239 -18.59 14.55 -29.33
N LEU B 240 -19.86 14.29 -29.64
CA LEU B 240 -20.53 14.95 -30.76
C LEU B 240 -20.66 16.45 -30.54
N GLN B 241 -20.71 16.88 -29.29
CA GLN B 241 -20.82 18.31 -28.96
C GLN B 241 -19.51 19.05 -29.18
N LYS B 242 -18.55 18.38 -29.82
CA LYS B 242 -17.25 18.97 -30.14
C LYS B 242 -16.92 18.52 -31.55
N PRO B 243 -17.77 18.90 -32.52
CA PRO B 243 -17.63 18.56 -33.94
C PRO B 243 -16.24 18.73 -34.56
N ASN B 244 -15.53 19.79 -34.19
CA ASN B 244 -14.21 20.03 -34.73
C ASN B 244 -13.22 18.94 -34.33
N ALA B 245 -13.35 18.42 -33.11
CA ALA B 245 -12.49 17.36 -32.64
C ALA B 245 -12.99 16.05 -33.26
N ARG B 246 -12.52 15.75 -34.46
CA ARG B 246 -12.94 14.55 -35.17
C ARG B 246 -12.08 13.35 -34.77
N VAL B 247 -10.91 13.63 -34.19
CA VAL B 247 -9.99 12.59 -33.72
C VAL B 247 -10.16 12.41 -32.20
N VAL B 248 -10.57 11.21 -31.80
CA VAL B 248 -10.79 10.88 -30.38
C VAL B 248 -9.76 9.88 -29.83
N VAL B 249 -8.98 10.33 -28.86
CA VAL B 249 -7.96 9.47 -28.26
C VAL B 249 -8.58 8.60 -27.19
N LEU B 250 -8.33 7.29 -27.27
CA LEU B 250 -8.87 6.35 -26.28
C LEU B 250 -7.75 5.63 -25.52
N PHE B 251 -7.96 5.50 -24.22
CA PHE B 251 -7.06 4.78 -23.33
C PHE B 251 -8.04 4.00 -22.47
N MET B 252 -8.56 2.92 -23.05
CA MET B 252 -9.57 2.14 -22.36
C MET B 252 -9.34 0.64 -22.31
N ARG B 253 -9.92 0.02 -21.29
CA ARG B 253 -9.86 -1.42 -21.12
C ARG B 253 -10.54 -2.05 -22.33
N SER B 254 -10.22 -3.30 -22.59
CA SER B 254 -10.79 -4.04 -23.70
C SER B 254 -12.32 -3.99 -23.63
N ASP B 255 -12.87 -4.50 -22.53
CA ASP B 255 -14.32 -4.54 -22.35
C ASP B 255 -15.00 -3.19 -22.56
N ASP B 256 -14.46 -2.15 -21.93
CA ASP B 256 -15.03 -0.81 -22.07
C ASP B 256 -15.01 -0.35 -23.51
N SER B 257 -13.88 -0.57 -24.19
CA SER B 257 -13.74 -0.18 -25.59
C SER B 257 -14.90 -0.72 -26.42
N ARG B 258 -15.16 -2.01 -26.25
CA ARG B 258 -16.23 -2.69 -26.96
C ARG B 258 -17.57 -1.95 -26.71
N GLU B 259 -17.79 -1.53 -25.46
CA GLU B 259 -19.01 -0.81 -25.11
C GLU B 259 -19.09 0.53 -25.84
N LEU B 260 -18.01 1.31 -25.79
CA LEU B 260 -18.00 2.62 -26.42
C LEU B 260 -18.28 2.53 -27.93
N ILE B 261 -17.63 1.58 -28.60
CA ILE B 261 -17.83 1.42 -30.03
C ILE B 261 -19.26 0.99 -30.36
N ALA B 262 -19.84 0.17 -29.47
CA ALA B 262 -21.22 -0.28 -29.70
C ALA B 262 -22.13 0.93 -29.53
N ALA B 263 -21.79 1.81 -28.58
CA ALA B 263 -22.57 3.00 -28.30
C ALA B 263 -22.54 3.98 -29.48
N ALA B 264 -21.37 4.10 -30.10
CA ALA B 264 -21.22 4.99 -31.24
C ALA B 264 -22.00 4.41 -32.42
N ASN B 265 -22.02 3.08 -32.49
CA ASN B 265 -22.71 2.40 -33.57
C ASN B 265 -24.24 2.57 -33.54
N ARG B 266 -24.78 2.81 -32.35
CA ARG B 266 -26.23 2.99 -32.21
C ARG B 266 -26.73 4.29 -32.84
N VAL B 267 -26.05 5.38 -32.52
CA VAL B 267 -26.40 6.70 -33.06
C VAL B 267 -25.54 6.98 -34.29
N ASN B 268 -24.97 5.91 -34.83
CA ASN B 268 -24.11 5.97 -36.01
C ASN B 268 -23.12 7.14 -36.01
N ALA B 269 -22.50 7.39 -34.86
CA ALA B 269 -21.52 8.46 -34.76
C ALA B 269 -20.23 7.96 -35.40
N SER B 270 -19.46 8.88 -36.01
CA SER B 270 -18.22 8.48 -36.66
C SER B 270 -17.07 9.43 -36.37
N PHE B 271 -16.01 8.87 -35.79
CA PHE B 271 -14.79 9.62 -35.45
C PHE B 271 -13.59 8.80 -35.85
N THR B 272 -12.43 9.43 -35.88
CA THR B 272 -11.21 8.70 -36.16
C THR B 272 -10.66 8.34 -34.79
N TRP B 273 -10.67 7.05 -34.46
CA TRP B 273 -10.20 6.59 -33.16
C TRP B 273 -8.70 6.27 -33.08
N VAL B 274 -8.08 6.70 -31.99
CA VAL B 274 -6.67 6.45 -31.70
C VAL B 274 -6.70 5.80 -30.30
N ALA B 275 -6.72 4.48 -30.29
CA ALA B 275 -6.79 3.69 -29.06
C ALA B 275 -5.50 3.01 -28.63
N SER B 276 -5.37 2.81 -27.32
CA SER B 276 -4.21 2.15 -26.74
C SER B 276 -4.37 0.64 -26.82
N ASP B 277 -3.36 -0.08 -26.35
CA ASP B 277 -3.35 -1.54 -26.41
C ASP B 277 -4.59 -2.20 -25.85
N GLY B 278 -5.29 -1.51 -24.95
CA GLY B 278 -6.49 -2.08 -24.37
C GLY B 278 -7.37 -2.56 -25.51
N TRP B 279 -7.50 -1.71 -26.52
CA TRP B 279 -8.28 -2.03 -27.71
C TRP B 279 -7.31 -2.89 -28.51
N GLY B 280 -6.15 -2.31 -28.82
CA GLY B 280 -5.13 -3.03 -29.56
C GLY B 280 -5.60 -3.53 -30.92
N ALA B 281 -5.18 -4.74 -31.27
CA ALA B 281 -5.54 -5.30 -32.56
C ALA B 281 -6.52 -6.44 -32.43
N GLN B 282 -7.54 -6.25 -31.60
CA GLN B 282 -8.55 -7.29 -31.43
C GLN B 282 -9.69 -7.03 -32.41
N GLU B 283 -10.11 -8.07 -33.11
CA GLU B 283 -11.20 -7.93 -34.05
C GLU B 283 -12.51 -8.03 -33.30
N SER B 284 -12.47 -8.70 -32.15
CA SER B 284 -13.66 -8.90 -31.31
C SER B 284 -14.25 -7.59 -30.81
N ILE B 285 -13.43 -6.55 -30.75
CA ILE B 285 -13.87 -5.24 -30.26
C ILE B 285 -14.78 -4.55 -31.26
N VAL B 286 -14.42 -4.67 -32.53
CA VAL B 286 -15.13 -4.05 -33.62
C VAL B 286 -16.34 -4.85 -34.13
N LYS B 287 -16.31 -6.17 -33.97
CA LYS B 287 -17.40 -7.04 -34.42
C LYS B 287 -18.79 -6.47 -34.17
N GLY B 288 -19.57 -6.31 -35.25
CA GLY B 288 -20.91 -5.78 -35.13
C GLY B 288 -21.00 -4.26 -35.14
N SER B 289 -19.90 -3.59 -35.47
CA SER B 289 -19.85 -2.13 -35.53
C SER B 289 -18.65 -1.73 -36.37
N GLU B 290 -18.20 -2.66 -37.20
CA GLU B 290 -17.04 -2.47 -38.06
C GLU B 290 -16.96 -1.16 -38.86
N HIS B 291 -18.11 -0.66 -39.34
CA HIS B 291 -18.11 0.57 -40.12
C HIS B 291 -17.89 1.82 -39.26
N VAL B 292 -18.21 1.72 -37.98
CA VAL B 292 -18.03 2.84 -37.05
C VAL B 292 -16.57 2.96 -36.63
N ALA B 293 -15.87 1.84 -36.63
CA ALA B 293 -14.46 1.82 -36.24
C ALA B 293 -13.52 1.88 -37.45
N TYR B 294 -14.07 1.84 -38.64
CA TYR B 294 -13.26 1.88 -39.85
C TYR B 294 -12.27 3.03 -39.78
N GLY B 295 -11.04 2.77 -40.25
CA GLY B 295 -10.02 3.80 -40.25
C GLY B 295 -9.36 4.09 -38.92
N ALA B 296 -9.79 3.41 -37.87
CA ALA B 296 -9.23 3.62 -36.54
C ALA B 296 -7.75 3.25 -36.50
N ILE B 297 -7.01 3.95 -35.65
CA ILE B 297 -5.59 3.68 -35.48
C ILE B 297 -5.41 3.21 -34.05
N THR B 298 -4.83 2.03 -33.89
CA THR B 298 -4.62 1.47 -32.56
C THR B 298 -3.18 1.05 -32.34
N LEU B 299 -2.78 1.00 -31.08
CA LEU B 299 -1.44 0.58 -30.72
C LEU B 299 -1.49 -0.74 -29.97
N GLU B 300 -0.37 -1.45 -30.02
CA GLU B 300 -0.24 -2.71 -29.31
C GLU B 300 1.26 -2.91 -29.08
N LEU B 301 1.63 -3.70 -28.09
CA LEU B 301 3.04 -3.92 -27.81
C LEU B 301 3.67 -4.68 -28.98
N ALA B 302 4.88 -4.29 -29.32
CA ALA B 302 5.59 -4.95 -30.43
C ALA B 302 5.92 -6.38 -30.04
N SER B 303 5.33 -7.32 -30.76
CA SER B 303 5.56 -8.72 -30.50
C SER B 303 5.55 -9.48 -31.82
N HIS B 304 5.82 -10.77 -31.72
CA HIS B 304 5.83 -11.65 -32.88
C HIS B 304 5.19 -12.93 -32.40
N PRO B 305 4.30 -13.52 -33.20
CA PRO B 305 3.67 -14.77 -32.77
C PRO B 305 4.67 -15.88 -32.45
N VAL B 306 4.28 -16.73 -31.51
CA VAL B 306 5.10 -17.87 -31.09
C VAL B 306 4.58 -19.05 -31.90
N ARG B 307 5.31 -19.40 -32.95
CA ARG B 307 4.92 -20.48 -33.86
C ARG B 307 4.52 -21.81 -33.24
N GLN B 308 5.35 -22.33 -32.34
CA GLN B 308 5.05 -23.61 -31.69
C GLN B 308 3.71 -23.58 -30.98
N PHE B 309 3.31 -22.40 -30.52
CA PHE B 309 2.04 -22.26 -29.80
C PHE B 309 0.85 -22.44 -30.74
N ASP B 310 0.96 -21.88 -31.95
CA ASP B 310 -0.11 -22.03 -32.95
C ASP B 310 -0.46 -23.51 -33.05
N ARG B 311 0.57 -24.32 -33.29
CA ARG B 311 0.40 -25.75 -33.42
C ARG B 311 -0.29 -26.32 -32.20
N TYR B 312 0.19 -25.94 -31.02
CA TYR B 312 -0.36 -26.43 -29.76
C TYR B 312 -1.84 -26.09 -29.55
N PHE B 313 -2.16 -24.81 -29.67
CA PHE B 313 -3.53 -24.36 -29.46
C PHE B 313 -4.48 -24.97 -30.48
N GLN B 314 -4.01 -25.12 -31.72
CA GLN B 314 -4.85 -25.68 -32.77
C GLN B 314 -5.16 -27.16 -32.57
N SER B 315 -4.27 -27.88 -31.89
CA SER B 315 -4.48 -29.30 -31.63
C SER B 315 -5.43 -29.55 -30.48
N LEU B 316 -5.92 -28.48 -29.85
CA LEU B 316 -6.82 -28.59 -28.70
C LEU B 316 -8.27 -28.76 -29.10
N ASN B 317 -8.97 -29.67 -28.43
CA ASN B 317 -10.37 -29.90 -28.70
C ASN B 317 -11.00 -30.44 -27.42
N PRO B 318 -12.33 -30.32 -27.28
CA PRO B 318 -13.02 -30.81 -26.09
C PRO B 318 -12.75 -32.25 -25.68
N TYR B 319 -12.18 -33.03 -26.59
CA TYR B 319 -11.90 -34.44 -26.32
C TYR B 319 -10.51 -34.67 -25.71
N ASN B 320 -9.53 -33.90 -26.14
CA ASN B 320 -8.16 -34.04 -25.64
C ASN B 320 -7.75 -32.97 -24.65
N ASN B 321 -8.64 -32.04 -24.33
CA ASN B 321 -8.28 -30.99 -23.39
C ASN B 321 -9.19 -30.93 -22.17
N HIS B 322 -9.07 -31.93 -21.29
CA HIS B 322 -9.88 -31.99 -20.08
C HIS B 322 -9.28 -31.21 -18.89
N ARG B 323 -7.99 -30.88 -18.93
CA ARG B 323 -7.39 -30.17 -17.80
C ARG B 323 -7.83 -28.70 -17.66
N ASN B 324 -8.34 -28.13 -18.76
CA ASN B 324 -8.83 -26.75 -18.79
C ASN B 324 -10.36 -26.83 -18.62
N PRO B 325 -10.85 -26.66 -17.37
CA PRO B 325 -12.28 -26.72 -17.04
C PRO B 325 -13.18 -25.64 -17.66
N TRP B 326 -12.58 -24.76 -18.46
CA TRP B 326 -13.33 -23.68 -19.10
C TRP B 326 -13.36 -23.92 -20.61
N PHE B 327 -12.59 -24.89 -21.09
CA PHE B 327 -12.54 -25.13 -22.52
C PHE B 327 -13.87 -25.43 -23.17
N ARG B 328 -14.72 -26.21 -22.51
CA ARG B 328 -16.03 -26.54 -23.07
C ARG B 328 -16.82 -25.26 -23.33
N ASP B 329 -17.05 -24.47 -22.29
CA ASP B 329 -17.78 -23.21 -22.47
C ASP B 329 -17.14 -22.47 -23.63
N PHE B 330 -15.81 -22.41 -23.61
CA PHE B 330 -15.07 -21.73 -24.67
C PHE B 330 -15.54 -22.25 -26.03
N TRP B 331 -15.43 -23.55 -26.21
CA TRP B 331 -15.79 -24.23 -27.44
C TRP B 331 -17.18 -23.81 -27.93
N GLU B 332 -18.20 -24.07 -27.09
CA GLU B 332 -19.57 -23.73 -27.41
C GLU B 332 -19.80 -22.30 -27.84
N GLN B 333 -19.05 -21.36 -27.27
CA GLN B 333 -19.23 -19.96 -27.61
C GLN B 333 -18.53 -19.60 -28.92
N LYS B 334 -17.33 -20.13 -29.14
CA LYS B 334 -16.58 -19.83 -30.36
C LYS B 334 -17.30 -20.32 -31.61
N PHE B 335 -17.92 -21.50 -31.48
CA PHE B 335 -18.63 -22.14 -32.58
C PHE B 335 -20.15 -22.05 -32.47
N GLN B 336 -20.65 -21.51 -31.37
CA GLN B 336 -22.11 -21.42 -31.16
C GLN B 336 -22.59 -22.87 -31.10
N CYS B 337 -22.04 -23.61 -30.15
CA CYS B 337 -22.31 -25.03 -29.96
C CYS B 337 -23.38 -25.50 -29.03
N SER B 338 -23.09 -26.67 -28.46
CA SER B 338 -23.92 -27.39 -27.50
C SER B 338 -23.54 -28.85 -27.69
N LEU B 339 -23.50 -29.59 -26.59
CA LEU B 339 -23.17 -31.00 -26.62
C LEU B 339 -24.11 -31.71 -25.66
N GLN B 340 -23.78 -31.63 -24.37
CA GLN B 340 -24.56 -32.22 -23.28
C GLN B 340 -24.19 -31.44 -22.02
N ASN B 341 -23.23 -30.52 -22.19
CA ASN B 341 -22.72 -29.69 -21.09
C ASN B 341 -23.00 -28.21 -21.39
N LYS B 342 -24.27 -27.86 -21.46
CA LYS B 342 -24.67 -26.48 -21.73
C LYS B 342 -26.11 -26.25 -21.27
N ARG B 343 -26.59 -25.02 -21.41
CA ARG B 343 -27.95 -24.67 -21.01
C ARG B 343 -28.95 -25.40 -21.91
N ASN B 344 -30.23 -25.12 -21.71
CA ASN B 344 -31.30 -25.74 -22.49
C ASN B 344 -31.38 -25.05 -23.86
N HIS B 345 -30.46 -25.36 -24.76
CA HIS B 345 -30.43 -24.73 -26.07
C HIS B 345 -30.76 -25.64 -27.25
N ARG B 346 -30.22 -25.29 -28.41
CA ARG B 346 -30.42 -26.04 -29.64
C ARG B 346 -29.10 -26.23 -30.37
N GLN B 347 -29.17 -26.88 -31.53
CA GLN B 347 -28.02 -27.13 -32.38
C GLN B 347 -26.81 -27.80 -31.71
N VAL B 348 -26.76 -29.13 -31.76
CA VAL B 348 -25.63 -29.84 -31.20
C VAL B 348 -24.44 -29.47 -32.08
N CYS B 349 -23.23 -29.89 -31.72
CA CYS B 349 -22.08 -29.51 -32.54
C CYS B 349 -21.29 -30.59 -33.27
N ASP B 350 -20.92 -30.25 -34.50
CA ASP B 350 -20.16 -31.14 -35.37
C ASP B 350 -18.83 -31.58 -34.75
N LYS B 351 -18.73 -32.88 -34.48
CA LYS B 351 -17.55 -33.46 -33.86
C LYS B 351 -16.27 -33.24 -34.68
N HIS B 352 -16.39 -32.57 -35.83
CA HIS B 352 -15.23 -32.31 -36.66
C HIS B 352 -14.72 -30.87 -36.56
N LEU B 353 -15.40 -30.04 -35.79
CA LEU B 353 -14.96 -28.66 -35.62
C LEU B 353 -13.52 -28.69 -35.15
N ALA B 354 -12.80 -27.61 -35.38
CA ALA B 354 -11.41 -27.54 -34.99
C ALA B 354 -10.88 -26.12 -35.09
N ILE B 355 -10.00 -25.76 -34.17
CA ILE B 355 -9.40 -24.45 -34.18
C ILE B 355 -8.35 -24.51 -35.29
N ASP B 356 -8.41 -23.61 -36.25
CA ASP B 356 -7.44 -23.63 -37.33
C ASP B 356 -7.17 -22.26 -37.93
N SER B 357 -6.30 -22.23 -38.92
CA SER B 357 -5.92 -21.00 -39.59
C SER B 357 -7.07 -20.13 -40.09
N SER B 358 -8.25 -20.73 -40.28
CA SER B 358 -9.39 -19.96 -40.78
C SER B 358 -10.29 -19.35 -39.70
N ASN B 359 -10.08 -19.73 -38.44
CA ASN B 359 -10.90 -19.18 -37.37
C ASN B 359 -10.11 -18.77 -36.12
N TYR B 360 -8.80 -18.96 -36.16
CA TYR B 360 -7.95 -18.61 -35.03
C TYR B 360 -6.72 -17.83 -35.46
N GLU B 361 -6.39 -16.82 -34.66
CA GLU B 361 -5.21 -16.00 -34.90
C GLU B 361 -4.61 -15.75 -33.52
N GLN B 362 -3.33 -16.06 -33.37
CA GLN B 362 -2.65 -15.87 -32.09
C GLN B 362 -2.88 -14.48 -31.49
N GLU B 363 -3.31 -14.45 -30.25
CA GLU B 363 -3.55 -13.19 -29.55
C GLU B 363 -2.25 -12.41 -29.59
N SER B 364 -2.35 -11.10 -29.69
CA SER B 364 -1.17 -10.27 -29.78
C SER B 364 -0.09 -10.41 -28.68
N LYS B 365 -0.49 -10.64 -27.43
CA LYS B 365 0.48 -10.72 -26.34
C LYS B 365 0.90 -12.11 -25.86
N ILE B 366 0.54 -13.14 -26.60
CA ILE B 366 0.93 -14.49 -26.23
C ILE B 366 2.43 -14.59 -25.87
N MET B 367 3.26 -13.96 -26.69
CA MET B 367 4.71 -13.96 -26.50
C MET B 367 5.08 -13.53 -25.07
N PHE B 368 4.34 -12.57 -24.53
CA PHE B 368 4.63 -12.09 -23.19
C PHE B 368 4.23 -13.07 -22.08
N VAL B 369 3.24 -13.91 -22.36
CA VAL B 369 2.82 -14.89 -21.37
C VAL B 369 3.92 -15.95 -21.28
N VAL B 370 4.31 -16.48 -22.44
CA VAL B 370 5.36 -17.48 -22.48
C VAL B 370 6.66 -16.95 -21.85
N ASN B 371 7.06 -15.73 -22.19
CA ASN B 371 8.29 -15.20 -21.60
C ASN B 371 8.13 -15.00 -20.09
N ALA B 372 6.95 -14.60 -19.63
CA ALA B 372 6.73 -14.38 -18.20
C ALA B 372 6.95 -15.69 -17.46
N VAL B 373 6.29 -16.74 -17.94
CA VAL B 373 6.39 -18.04 -17.34
C VAL B 373 7.84 -18.54 -17.40
N TYR B 374 8.50 -18.30 -18.53
CA TYR B 374 9.89 -18.73 -18.67
C TYR B 374 10.82 -17.95 -17.77
N ALA B 375 10.47 -16.70 -17.50
CA ALA B 375 11.31 -15.89 -16.66
C ALA B 375 11.27 -16.44 -15.23
N MET B 376 10.08 -16.85 -14.78
CA MET B 376 9.94 -17.38 -13.44
C MET B 376 10.74 -18.68 -13.34
N ALA B 377 10.64 -19.52 -14.36
CA ALA B 377 11.37 -20.79 -14.38
C ALA B 377 12.89 -20.57 -14.36
N HIS B 378 13.38 -19.65 -15.19
CA HIS B 378 14.81 -19.37 -15.22
C HIS B 378 15.26 -18.86 -13.87
N ALA B 379 14.42 -18.06 -13.21
CA ALA B 379 14.78 -17.52 -11.90
C ALA B 379 14.85 -18.66 -10.89
N LEU B 380 13.89 -19.58 -10.93
CA LEU B 380 13.90 -20.69 -10.00
C LEU B 380 15.07 -21.61 -10.29
N HIS B 381 15.37 -21.79 -11.59
CA HIS B 381 16.46 -22.64 -12.07
C HIS B 381 17.83 -22.14 -11.58
N LYS B 382 18.08 -20.84 -11.72
CA LYS B 382 19.34 -20.30 -11.27
C LYS B 382 19.47 -20.44 -9.76
N MET B 383 18.37 -20.21 -9.03
CA MET B 383 18.38 -20.35 -7.58
C MET B 383 18.67 -21.81 -7.21
N GLN B 384 18.06 -22.78 -7.89
CA GLN B 384 18.30 -24.17 -7.54
C GLN B 384 19.75 -24.59 -7.84
N ARG B 385 20.34 -24.06 -8.91
CA ARG B 385 21.71 -24.40 -9.23
C ARG B 385 22.64 -23.81 -8.18
N THR B 386 22.23 -22.69 -7.61
CA THR B 386 23.03 -22.01 -6.61
C THR B 386 22.95 -22.63 -5.23
N LEU B 387 21.73 -22.91 -4.78
CA LEU B 387 21.51 -23.47 -3.46
C LEU B 387 21.60 -24.99 -3.36
N CYS B 388 21.47 -25.66 -4.50
CA CYS B 388 21.52 -27.12 -4.54
C CYS B 388 22.60 -27.57 -5.51
N PRO B 389 23.87 -27.36 -5.14
CA PRO B 389 25.01 -27.74 -5.99
C PRO B 389 25.27 -29.22 -6.27
N GLN B 390 24.66 -30.12 -5.51
CA GLN B 390 24.90 -31.55 -5.72
C GLN B 390 23.92 -32.28 -6.65
N THR B 391 22.72 -31.75 -6.81
CA THR B 391 21.72 -32.42 -7.64
C THR B 391 20.91 -31.46 -8.49
N THR B 392 19.98 -32.03 -9.23
CA THR B 392 19.09 -31.26 -10.08
C THR B 392 17.74 -31.23 -9.36
N LYS B 393 17.69 -31.83 -8.18
CA LYS B 393 16.44 -31.87 -7.42
C LYS B 393 16.29 -30.73 -6.43
N LEU B 394 15.06 -30.49 -6.01
CA LEU B 394 14.75 -29.43 -5.05
C LEU B 394 15.31 -29.92 -3.72
N CYS B 395 16.52 -29.49 -3.37
CA CYS B 395 17.15 -29.91 -2.12
C CYS B 395 16.59 -29.20 -0.90
N ASP B 396 16.84 -29.75 0.29
CA ASP B 396 16.33 -29.18 1.53
C ASP B 396 16.52 -27.66 1.63
N ALA B 397 17.66 -27.16 1.18
CA ALA B 397 17.95 -25.73 1.24
C ALA B 397 16.88 -24.90 0.54
N MET B 398 16.19 -25.51 -0.42
CA MET B 398 15.14 -24.81 -1.14
C MET B 398 13.73 -25.32 -0.83
N LYS B 399 13.60 -26.10 0.24
CA LYS B 399 12.28 -26.62 0.61
C LYS B 399 11.36 -25.46 0.93
N ILE B 400 11.93 -24.42 1.54
CA ILE B 400 11.18 -23.23 1.88
C ILE B 400 11.90 -22.09 1.19
N LEU B 401 11.32 -21.62 0.08
CA LEU B 401 11.89 -20.55 -0.71
C LEU B 401 11.84 -19.18 -0.06
N ASP B 402 12.92 -18.45 -0.25
CA ASP B 402 13.03 -17.08 0.24
C ASP B 402 12.58 -16.26 -0.97
N GLY B 403 11.30 -15.87 -0.98
CA GLY B 403 10.75 -15.09 -2.07
C GLY B 403 11.46 -13.76 -2.33
N LYS B 404 11.95 -13.14 -1.27
CA LYS B 404 12.66 -11.86 -1.39
C LYS B 404 13.90 -12.08 -2.25
N LYS B 405 14.63 -13.15 -1.95
CA LYS B 405 15.82 -13.46 -2.71
C LYS B 405 15.41 -13.85 -4.14
N LEU B 406 14.39 -14.69 -4.25
CA LEU B 406 13.91 -15.13 -5.55
C LEU B 406 13.67 -13.90 -6.41
N TYR B 407 12.99 -12.90 -5.84
CA TYR B 407 12.71 -11.67 -6.58
C TYR B 407 13.98 -10.95 -6.96
N LYS B 408 14.97 -10.96 -6.09
CA LYS B 408 16.27 -10.34 -6.38
C LYS B 408 17.29 -11.44 -6.76
N GLU B 409 16.97 -12.14 -7.84
CA GLU B 409 17.70 -13.26 -8.47
C GLU B 409 16.95 -13.35 -9.82
N TYR B 410 15.70 -12.92 -9.76
CA TYR B 410 14.79 -12.89 -10.88
C TYR B 410 14.86 -11.54 -11.63
N LEU B 411 15.14 -10.47 -10.89
CA LEU B 411 15.27 -9.16 -11.49
C LEU B 411 16.54 -9.08 -12.33
N LEU B 412 17.55 -9.86 -11.96
CA LEU B 412 18.82 -9.83 -12.66
C LEU B 412 18.90 -10.85 -13.78
N LYS B 413 17.79 -11.53 -14.02
CA LYS B 413 17.72 -12.55 -15.03
C LYS B 413 17.81 -12.01 -16.46
N ILE B 414 18.56 -12.70 -17.30
CA ILE B 414 18.71 -12.33 -18.71
C ILE B 414 18.87 -13.63 -19.53
N GLN B 415 17.93 -13.89 -20.43
CA GLN B 415 18.03 -15.10 -21.25
C GLN B 415 17.37 -14.91 -22.60
N PHE B 416 17.77 -15.71 -23.58
CA PHE B 416 17.16 -15.61 -24.90
C PHE B 416 15.76 -16.16 -24.88
N THR B 417 14.83 -15.39 -25.41
CA THR B 417 13.42 -15.76 -25.44
C THR B 417 13.23 -17.23 -25.73
N ALA B 418 12.33 -17.84 -24.95
CA ALA B 418 12.00 -19.25 -25.10
C ALA B 418 12.21 -19.63 -26.56
N PRO B 419 12.92 -20.74 -26.82
CA PRO B 419 13.24 -21.28 -28.15
C PRO B 419 12.27 -20.84 -29.26
N PHE B 420 11.03 -20.61 -28.84
CA PHE B 420 9.94 -20.20 -29.71
C PHE B 420 10.12 -18.84 -30.39
N ASN B 421 11.35 -18.34 -30.43
CA ASN B 421 11.61 -17.05 -31.07
C ASN B 421 12.78 -17.15 -32.05
N PRO B 422 12.52 -16.90 -33.34
CA PRO B 422 13.55 -16.95 -34.37
C PRO B 422 14.68 -15.96 -34.09
N ASN B 423 15.83 -16.19 -34.73
CA ASN B 423 17.00 -15.33 -34.55
C ASN B 423 17.31 -15.07 -33.08
N LYS B 424 18.22 -14.13 -32.86
CA LYS B 424 18.65 -13.74 -31.51
C LYS B 424 19.25 -12.33 -31.61
N GLY B 425 19.24 -11.79 -32.82
CA GLY B 425 19.79 -10.47 -33.06
C GLY B 425 18.77 -9.34 -32.99
N ALA B 426 17.50 -9.68 -33.13
CA ALA B 426 16.43 -8.68 -33.06
C ALA B 426 16.10 -8.44 -31.59
N ASP B 427 17.16 -8.42 -30.78
CA ASP B 427 17.06 -8.23 -29.34
C ASP B 427 15.93 -9.07 -28.77
N SER B 428 16.13 -10.38 -28.81
CA SER B 428 15.15 -11.31 -28.30
C SER B 428 15.57 -11.81 -26.92
N ILE B 429 16.06 -10.88 -26.10
CA ILE B 429 16.48 -11.21 -24.73
C ILE B 429 15.46 -10.72 -23.72
N VAL B 430 14.98 -11.61 -22.86
CA VAL B 430 14.02 -11.21 -21.85
C VAL B 430 14.80 -10.82 -20.60
N LYS B 431 14.46 -9.65 -20.05
CA LYS B 431 15.11 -9.14 -18.86
C LYS B 431 14.22 -8.05 -18.31
N PHE B 432 14.65 -7.42 -17.22
CA PHE B 432 13.84 -6.37 -16.63
C PHE B 432 14.64 -5.14 -16.25
N ASP B 433 13.94 -4.00 -16.22
CA ASP B 433 14.49 -2.70 -15.83
C ASP B 433 14.81 -2.79 -14.36
N THR B 434 15.27 -1.68 -13.83
CA THR B 434 15.55 -1.55 -12.42
C THR B 434 14.17 -1.42 -11.76
N PHE B 435 13.16 -1.13 -12.58
CA PHE B 435 11.79 -0.99 -12.09
C PHE B 435 11.01 -2.29 -12.32
N GLY B 436 11.66 -3.24 -12.98
CA GLY B 436 11.04 -4.53 -13.25
C GLY B 436 10.19 -4.51 -14.50
N ASP B 437 10.41 -3.51 -15.34
CA ASP B 437 9.61 -3.38 -16.56
C ASP B 437 10.27 -3.97 -17.79
N GLY B 438 9.49 -4.08 -18.86
CA GLY B 438 10.01 -4.58 -20.12
C GLY B 438 10.32 -3.38 -21.00
N MET B 439 10.77 -3.62 -22.23
CA MET B 439 11.11 -2.54 -23.16
C MET B 439 9.93 -1.84 -23.85
N GLY B 440 9.97 -0.51 -23.88
CA GLY B 440 8.91 0.28 -24.49
C GLY B 440 8.92 0.34 -26.01
N ARG B 441 8.47 -0.74 -26.66
CA ARG B 441 8.40 -0.80 -28.12
C ARG B 441 6.97 -1.09 -28.55
N TYR B 442 6.45 -0.31 -29.50
CA TYR B 442 5.08 -0.53 -29.96
C TYR B 442 4.93 -0.58 -31.47
N ASN B 443 3.79 -1.10 -31.89
CA ASN B 443 3.44 -1.18 -33.30
C ASN B 443 2.15 -0.38 -33.46
N VAL B 444 1.99 0.27 -34.62
CA VAL B 444 0.80 1.04 -34.88
C VAL B 444 -0.03 0.27 -35.89
N PHE B 445 -1.33 0.19 -35.66
CA PHE B 445 -2.21 -0.53 -36.57
C PHE B 445 -3.33 0.35 -37.11
N ASN B 446 -3.90 -0.08 -38.23
CA ASN B 446 -4.98 0.64 -38.90
C ASN B 446 -6.05 -0.40 -39.20
N LEU B 447 -7.28 -0.10 -38.82
CA LEU B 447 -8.38 -1.02 -39.08
C LEU B 447 -8.87 -0.82 -40.51
N GLN B 448 -8.60 -1.81 -41.36
CA GLN B 448 -9.02 -1.74 -42.75
C GLN B 448 -10.14 -2.72 -43.03
N GLN B 449 -10.50 -2.85 -44.31
CA GLN B 449 -11.57 -3.75 -44.71
C GLN B 449 -11.45 -4.11 -46.20
N THR B 450 -10.44 -3.53 -46.84
CA THR B 450 -10.18 -3.74 -48.28
C THR B 450 -10.79 -5.01 -48.89
N GLY B 451 -10.42 -6.18 -48.36
CA GLY B 451 -10.95 -7.42 -48.89
C GLY B 451 -12.35 -7.78 -48.43
N GLY B 452 -13.23 -6.79 -48.32
CA GLY B 452 -14.59 -7.04 -47.88
C GLY B 452 -14.65 -7.30 -46.39
N LYS B 453 -13.60 -7.92 -45.86
CA LYS B 453 -13.50 -8.26 -44.45
C LYS B 453 -12.63 -7.25 -43.71
N TYR B 454 -12.98 -6.99 -42.46
CA TYR B 454 -12.24 -6.04 -41.62
C TYR B 454 -11.03 -6.68 -40.94
N SER B 455 -9.90 -5.96 -40.94
CA SER B 455 -8.66 -6.45 -40.34
C SER B 455 -7.74 -5.31 -39.96
N TYR B 456 -6.73 -5.64 -39.15
CA TYR B 456 -5.76 -4.64 -38.73
C TYR B 456 -4.48 -4.77 -39.56
N LEU B 457 -3.94 -3.62 -39.97
CA LEU B 457 -2.73 -3.60 -40.77
C LEU B 457 -1.66 -2.77 -40.07
N LYS B 458 -0.47 -3.33 -39.96
CA LYS B 458 0.61 -2.59 -39.33
C LYS B 458 0.95 -1.47 -40.28
N VAL B 459 0.95 -0.25 -39.78
CA VAL B 459 1.25 0.91 -40.60
C VAL B 459 2.34 1.76 -39.95
N GLY B 460 3.02 1.19 -38.96
CA GLY B 460 4.10 1.90 -38.30
C GLY B 460 4.55 1.23 -37.01
N HIS B 461 5.34 1.95 -36.23
CA HIS B 461 5.83 1.44 -34.96
C HIS B 461 6.53 2.54 -34.19
N TRP B 462 6.73 2.33 -32.90
CA TRP B 462 7.40 3.33 -32.06
C TRP B 462 8.43 2.65 -31.18
N ALA B 463 9.66 3.13 -31.24
CA ALA B 463 10.74 2.56 -30.46
C ALA B 463 11.38 3.59 -29.56
N GLU B 464 11.39 4.84 -30.00
CA GLU B 464 11.95 5.94 -29.22
C GLU B 464 11.51 7.18 -29.98
N THR B 465 11.27 6.97 -31.27
CA THR B 465 10.82 7.98 -32.19
C THR B 465 9.72 7.32 -33.02
N LEU B 466 8.73 8.09 -33.45
CA LEU B 466 7.64 7.52 -34.24
C LEU B 466 8.12 7.17 -35.63
N SER B 467 7.42 6.23 -36.25
CA SER B 467 7.77 5.77 -37.57
C SER B 467 6.56 5.08 -38.18
N LEU B 468 6.17 5.53 -39.37
CA LEU B 468 5.03 4.94 -40.06
C LEU B 468 4.96 5.44 -41.49
N ASP B 469 4.57 4.55 -42.41
CA ASP B 469 4.45 4.95 -43.80
C ASP B 469 2.98 5.31 -44.05
N VAL B 470 2.75 6.63 -44.05
CA VAL B 470 1.42 7.19 -44.22
C VAL B 470 0.65 6.70 -45.44
N ASP B 471 1.36 6.31 -46.49
CA ASP B 471 0.70 5.86 -47.71
C ASP B 471 -0.17 4.61 -47.59
N SER B 472 0.18 3.70 -46.68
CA SER B 472 -0.59 2.47 -46.53
C SER B 472 -1.81 2.60 -45.61
N ILE B 473 -1.98 3.78 -45.02
CA ILE B 473 -3.10 4.02 -44.12
C ILE B 473 -4.42 4.32 -44.83
N HIS B 474 -5.48 3.64 -44.40
CA HIS B 474 -6.81 3.84 -44.96
C HIS B 474 -7.61 4.61 -43.92
N TRP B 475 -7.87 5.88 -44.20
CA TRP B 475 -8.61 6.69 -43.24
C TRP B 475 -10.12 6.52 -43.28
N SER B 476 -10.79 7.17 -42.34
CA SER B 476 -12.25 7.15 -42.23
C SER B 476 -12.71 8.25 -43.19
N ARG B 477 -13.59 7.89 -44.12
CA ARG B 477 -14.08 8.86 -45.11
C ARG B 477 -12.96 9.19 -46.12
N ASN B 478 -12.22 8.16 -46.51
CA ASN B 478 -11.13 8.24 -47.47
C ASN B 478 -10.27 9.51 -47.50
N SER B 479 -10.24 10.24 -46.39
CA SER B 479 -9.47 11.47 -46.34
C SER B 479 -8.75 11.63 -45.00
N VAL B 480 -7.46 11.95 -45.05
CA VAL B 480 -6.68 12.13 -43.83
C VAL B 480 -7.36 13.19 -42.98
N PRO B 481 -7.98 12.76 -41.86
CA PRO B 481 -8.70 13.61 -40.90
C PRO B 481 -8.06 14.96 -40.59
N THR B 482 -8.93 15.91 -40.26
CA THR B 482 -8.54 17.25 -39.88
C THR B 482 -9.11 17.38 -38.49
N SER B 483 -8.27 17.66 -37.51
CA SER B 483 -8.77 17.78 -36.15
C SER B 483 -8.18 19.00 -35.47
N GLN B 484 -8.78 20.16 -35.75
CA GLN B 484 -8.34 21.42 -35.17
C GLN B 484 -9.53 22.16 -34.55
N CYS B 485 -9.23 23.07 -33.62
CA CYS B 485 -10.22 23.83 -32.88
C CYS B 485 -11.21 24.71 -33.63
N SER B 486 -10.70 25.60 -34.49
CA SER B 486 -11.57 26.52 -35.20
C SER B 486 -11.78 26.19 -36.68
N ASP B 487 -12.92 26.64 -37.22
CA ASP B 487 -13.23 26.42 -38.63
C ASP B 487 -12.19 27.13 -39.48
N PRO B 488 -11.88 26.58 -40.67
CA PRO B 488 -10.89 27.19 -41.54
C PRO B 488 -11.37 28.53 -42.11
N CYS B 489 -10.43 29.45 -42.31
CA CYS B 489 -10.74 30.77 -42.82
C CYS B 489 -11.16 30.78 -44.29
N ALA B 490 -12.06 31.70 -44.63
CA ALA B 490 -12.51 31.85 -46.00
C ALA B 490 -11.29 32.33 -46.76
N PRO B 491 -11.12 31.88 -48.01
CA PRO B 491 -9.95 32.30 -48.80
C PRO B 491 -10.02 33.76 -49.17
N ASN B 492 -11.02 34.04 -50.00
CA ASN B 492 -11.30 35.36 -50.55
C ASN B 492 -10.90 36.59 -49.75
N GLU B 493 -10.74 36.47 -48.43
CA GLU B 493 -10.37 37.66 -47.68
C GLU B 493 -10.02 37.51 -46.22
N MET B 494 -10.18 36.33 -45.64
CA MET B 494 -9.90 36.16 -44.22
C MET B 494 -8.47 35.79 -43.87
N LYS B 495 -7.98 36.35 -42.76
CA LYS B 495 -6.64 36.09 -42.28
C LYS B 495 -6.77 35.26 -41.01
N ASN B 496 -5.88 34.29 -40.83
CA ASN B 496 -5.89 33.42 -39.65
C ASN B 496 -5.36 34.24 -38.47
N MET B 497 -6.08 34.26 -37.36
CA MET B 497 -5.65 35.02 -36.19
C MET B 497 -5.62 34.18 -34.91
N GLN B 498 -4.42 34.04 -34.33
CA GLN B 498 -4.23 33.26 -33.11
C GLN B 498 -4.44 34.10 -31.85
N PRO B 499 -5.44 33.75 -31.03
CA PRO B 499 -5.70 34.48 -29.79
C PRO B 499 -4.65 34.25 -28.70
N GLY B 500 -5.05 33.63 -27.59
CA GLY B 500 -4.13 33.36 -26.50
C GLY B 500 -3.49 31.98 -26.56
N ASP B 501 -4.27 30.98 -26.95
CA ASP B 501 -3.77 29.61 -27.05
C ASP B 501 -3.11 29.35 -28.38
N VAL B 502 -2.72 28.10 -28.61
CA VAL B 502 -2.07 27.71 -29.86
C VAL B 502 -2.85 26.64 -30.59
N CYS B 503 -4.15 26.61 -30.33
CA CYS B 503 -5.04 25.62 -30.96
C CYS B 503 -6.22 26.27 -31.68
N CYS B 504 -6.77 27.32 -31.08
CA CYS B 504 -7.92 28.02 -31.65
C CYS B 504 -7.55 29.35 -32.30
N TRP B 505 -8.42 29.84 -33.18
CA TRP B 505 -8.16 31.10 -33.86
C TRP B 505 -9.44 31.73 -34.40
N ILE B 506 -9.33 32.99 -34.82
CA ILE B 506 -10.46 33.71 -35.39
C ILE B 506 -10.04 34.15 -36.80
N CYS B 507 -11.02 34.25 -37.69
CA CYS B 507 -10.77 34.65 -39.07
C CYS B 507 -11.24 36.09 -39.30
N ILE B 508 -10.29 36.96 -39.67
CA ILE B 508 -10.59 38.36 -39.93
C ILE B 508 -10.60 38.70 -41.41
N PRO B 509 -11.79 39.00 -41.97
CA PRO B 509 -11.77 39.33 -43.41
C PRO B 509 -10.94 40.60 -43.59
N CYS B 510 -10.24 40.68 -44.71
CA CYS B 510 -9.39 41.84 -44.95
C CYS B 510 -10.07 42.92 -45.77
N GLU B 511 -9.46 44.09 -45.77
CA GLU B 511 -9.96 45.22 -46.51
C GLU B 511 -9.84 44.92 -47.99
N PRO B 512 -10.80 45.39 -48.80
CA PRO B 512 -10.75 45.11 -50.24
C PRO B 512 -9.43 45.49 -50.93
N TYR B 513 -8.63 46.34 -50.28
CA TYR B 513 -7.35 46.78 -50.85
C TYR B 513 -6.14 46.07 -50.24
N GLU B 514 -6.39 44.99 -49.50
CA GLU B 514 -5.33 44.22 -48.87
C GLU B 514 -5.29 42.82 -49.46
N TYR B 515 -4.09 42.24 -49.52
CA TYR B 515 -3.93 40.88 -50.02
C TYR B 515 -3.36 40.10 -48.86
N LEU B 516 -3.27 38.78 -49.00
CA LEU B 516 -2.73 37.93 -47.94
C LEU B 516 -1.25 37.64 -48.19
N VAL B 517 -0.35 38.37 -47.52
CA VAL B 517 1.08 38.13 -47.68
C VAL B 517 1.35 36.70 -47.21
N ASP B 518 0.57 36.27 -46.24
CA ASP B 518 0.67 34.92 -45.71
C ASP B 518 -0.64 34.61 -45.00
N GLU B 519 -0.88 33.33 -44.78
CA GLU B 519 -2.08 32.83 -44.12
C GLU B 519 -2.63 33.69 -42.97
N PHE B 520 -1.75 34.26 -42.14
CA PHE B 520 -2.21 35.06 -41.02
C PHE B 520 -2.03 36.56 -41.16
N THR B 521 -1.57 37.03 -42.31
CA THR B 521 -1.35 38.46 -42.42
C THR B 521 -1.90 39.22 -43.62
N CYS B 522 -2.59 40.31 -43.32
CA CYS B 522 -3.12 41.14 -44.38
C CYS B 522 -2.34 42.41 -44.50
N MET B 523 -1.98 42.74 -45.73
CA MET B 523 -1.19 43.92 -45.99
C MET B 523 -1.78 44.76 -47.11
N ASP B 524 -1.60 46.07 -46.97
CA ASP B 524 -2.08 47.03 -47.96
C ASP B 524 -1.25 46.85 -49.23
N CYS B 525 -1.93 46.74 -50.37
CA CYS B 525 -1.24 46.58 -51.65
C CYS B 525 -0.49 47.84 -52.02
N GLY B 526 -0.75 48.91 -51.27
CA GLY B 526 -0.08 50.16 -51.57
C GLY B 526 -0.79 50.87 -52.70
N PRO B 527 -0.52 52.18 -52.87
CA PRO B 527 -1.15 52.98 -53.92
C PRO B 527 -0.82 52.48 -55.33
N GLY B 528 -1.77 52.67 -56.24
CA GLY B 528 -1.59 52.25 -57.61
C GLY B 528 -1.75 50.76 -57.81
N GLN B 529 -1.81 50.01 -56.72
CA GLN B 529 -1.96 48.57 -56.83
C GLN B 529 -3.23 48.08 -56.15
N TRP B 530 -3.63 46.87 -56.48
CA TRP B 530 -4.85 46.28 -55.95
C TRP B 530 -4.66 44.76 -55.85
N PRO B 531 -5.27 44.13 -54.84
CA PRO B 531 -5.13 42.67 -54.68
C PRO B 531 -5.76 41.86 -55.79
N THR B 532 -5.17 40.70 -56.06
CA THR B 532 -5.69 39.81 -57.10
C THR B 532 -6.88 39.06 -56.52
N ALA B 533 -7.77 38.62 -57.39
CA ALA B 533 -8.97 37.88 -56.97
C ALA B 533 -8.59 36.79 -55.98
N ASP B 534 -7.43 36.21 -56.25
CA ASP B 534 -6.82 35.12 -55.49
C ASP B 534 -6.28 35.61 -54.12
N LEU B 535 -5.90 36.88 -54.07
CA LEU B 535 -5.33 37.54 -52.89
C LEU B 535 -3.87 37.16 -52.60
N SER B 536 -3.25 36.44 -53.53
CA SER B 536 -1.87 36.04 -53.36
C SER B 536 -0.90 37.16 -53.67
N GLY B 537 -1.35 38.14 -54.45
CA GLY B 537 -0.49 39.26 -54.79
C GLY B 537 -1.26 40.52 -55.14
N CYS B 538 -0.54 41.50 -55.68
CA CYS B 538 -1.15 42.78 -56.07
C CYS B 538 -0.87 43.07 -57.53
N TYR B 539 -1.86 43.57 -58.24
CA TYR B 539 -1.67 43.91 -59.65
C TYR B 539 -1.86 45.41 -59.79
N ASN B 540 -1.29 46.00 -60.85
CA ASN B 540 -1.42 47.43 -61.06
C ASN B 540 -2.82 47.84 -61.50
N LEU B 541 -3.23 49.03 -61.09
CA LEU B 541 -4.54 49.54 -61.43
C LEU B 541 -4.49 50.29 -62.75
N PRO B 542 -5.54 50.15 -63.57
CA PRO B 542 -5.57 50.85 -64.85
C PRO B 542 -6.21 52.23 -64.64
N GLU B 543 -6.76 52.81 -65.71
CA GLU B 543 -7.42 54.12 -65.65
C GLU B 543 -6.51 55.30 -65.29
C1 NAG C . 20.29 24.49 32.69
C2 NAG C . 19.71 25.89 32.42
C3 NAG C . 19.25 26.51 33.75
C4 NAG C . 18.29 25.57 34.48
C5 NAG C . 18.92 24.17 34.62
C6 NAG C . 18.02 23.13 35.29
C7 NAG C . 20.70 26.95 30.49
C8 NAG C . 21.92 26.52 29.69
N2 NAG C . 20.71 26.74 31.80
O3 NAG C . 18.62 27.77 33.49
O4 NAG C . 18.00 26.10 35.78
O5 NAG C . 19.30 23.66 33.33
O6 NAG C . 16.66 23.28 34.88
O7 NAG C . 19.74 27.47 29.91
N 2CG D . 2.77 2.33 21.43
CA 2CG D . 3.31 0.96 21.14
C 2CG D . 3.46 0.79 19.62
O 2CG D . 4.19 -0.14 19.21
OXT 2CG D . 2.86 1.58 18.86
CB 2CG D . 2.33 -0.09 21.67
CG1 2CG D . 2.46 -0.19 23.18
CD1 2CG D . 1.18 -0.64 23.77
O11 2CG D . 0.65 0.04 24.68
O12 2CG D . 0.63 -1.68 23.37
CG2 2CG D . 3.03 -1.28 22.30
CD2 2CG D . 4.54 -1.17 22.30
O21 2CG D . 5.15 -0.92 21.24
O22 2CG D . 5.16 -1.39 23.35
C1 NAG E . 1.76 19.52 -40.25
C2 NAG E . 1.75 18.91 -41.66
C3 NAG E . 3.03 19.27 -42.44
C4 NAG E . 3.32 20.78 -42.35
C5 NAG E . 3.36 21.19 -40.88
C6 NAG E . 3.65 22.67 -40.68
C7 NAG E . 0.74 16.80 -42.25
C8 NAG E . 1.24 15.71 -43.19
N2 NAG E . 1.64 17.47 -41.55
O3 NAG E . 2.87 18.89 -43.80
O4 NAG E . 4.57 21.07 -42.96
O5 NAG E . 2.06 20.93 -40.28
O6 NAG E . 2.51 23.47 -40.92
O7 NAG E . -0.47 17.03 -42.17
N 2CG F . -2.69 -3.17 -20.90
CA 2CG F . -4.04 -3.40 -20.26
C 2CG F . -3.88 -2.96 -18.80
O 2CG F . -4.88 -2.95 -18.07
OXT 2CG F . -2.73 -2.63 -18.40
CB 2CG F . -4.36 -4.89 -20.31
CG1 2CG F . -4.91 -5.24 -21.66
CD1 2CG F . -4.62 -6.68 -21.98
O11 2CG F . -3.99 -6.96 -23.03
O12 2CG F . -5.01 -7.59 -21.21
CG2 2CG F . -5.83 -5.16 -20.47
CD2 2CG F . -6.71 -3.92 -20.60
O21 2CG F . -6.52 -2.93 -19.88
O22 2CG F . -7.64 -3.93 -21.44
#